data_3E84
#
_entry.id   3E84
#
_cell.length_a   82.086
_cell.length_b   107.336
_cell.length_c   75.310
_cell.angle_alpha   90.000
_cell.angle_beta   90.000
_cell.angle_gamma   90.000
#
_symmetry.space_group_name_H-M   'P 21 21 2'
#
loop_
_entity.id
_entity.type
_entity.pdbx_description
1 polymer 'Acylneuraminate cytidylyltransferase'
2 non-polymer 'MAGNESIUM ION'
3 non-polymer TUNGSTATE(VI)ION
4 non-polymer DI(HYDROXYETHYL)ETHER
5 non-polymer 1,2-ETHANEDIOL
6 water water
#
_entity_poly.entity_id   1
_entity_poly.type   'polypeptide(L)'
_entity_poly.pdbx_seq_one_letter_code
;MKEIKLILTDIDGVWTDGGMFYDQTGNEWKKFNTSDSAGIFWAHNKGIPVGILTGEKTEIVRRRAEKLKVDYLFQGVVDK
LSAAEELCNELGINLEQVAYIGDDLNDAKLLKRVGIAGVPASAPFYIRRLSTIFLEKRGGEGVFREFVEKVLGINLEDFI
AVIQ
;
_entity_poly.pdbx_strand_id   A,B,C,D
#
loop_
_chem_comp.id
_chem_comp.type
_chem_comp.name
_chem_comp.formula
EDO non-polymer 1,2-ETHANEDIOL 'C2 H6 O2'
MG non-polymer 'MAGNESIUM ION' 'Mg 2'
PEG non-polymer DI(HYDROXYETHYL)ETHER 'C4 H10 O3'
WO4 non-polymer TUNGSTATE(VI)ION 'O4 W -2'
#
# COMPACT_ATOMS: atom_id res chain seq x y z
N MET A 1 4.78 12.37 -32.00
CA MET A 1 5.79 12.69 -30.98
C MET A 1 7.10 13.15 -31.62
N LYS A 2 7.62 14.27 -31.11
CA LYS A 2 8.96 14.76 -31.41
C LYS A 2 10.01 13.67 -31.35
N GLU A 3 11.18 13.92 -31.96
CA GLU A 3 12.33 13.04 -31.80
C GLU A 3 12.90 13.11 -30.38
N ILE A 4 12.96 11.96 -29.71
CA ILE A 4 13.55 11.82 -28.39
C ILE A 4 14.84 11.00 -28.45
N LYS A 5 15.93 11.56 -27.91
CA LYS A 5 17.20 10.85 -27.87
C LYS A 5 17.64 10.43 -26.46
N LEU A 6 16.89 10.86 -25.46
CA LEU A 6 17.24 10.55 -24.09
C LEU A 6 16.01 10.67 -23.20
N ILE A 7 15.74 9.65 -22.40
CA ILE A 7 14.69 9.70 -21.39
C ILE A 7 15.29 9.88 -19.98
N LEU A 8 14.88 10.92 -19.28
CA LEU A 8 15.35 11.14 -17.93
C LEU A 8 14.21 11.00 -16.93
N THR A 9 14.51 10.57 -15.71
CA THR A 9 13.44 10.31 -14.77
C THR A 9 13.88 10.61 -13.33
N ASP A 10 12.96 11.20 -12.58
CA ASP A 10 13.02 11.28 -11.11
C ASP A 10 12.66 9.89 -10.57
N ILE A 11 12.91 9.66 -9.29
CA ILE A 11 12.51 8.39 -8.65
C ILE A 11 11.29 8.52 -7.72
N ASP A 12 11.48 9.15 -6.57
CA ASP A 12 10.38 9.19 -5.57
C ASP A 12 9.14 9.91 -6.09
N GLY A 13 7.99 9.24 -6.08
CA GLY A 13 6.78 9.83 -6.64
C GLY A 13 6.57 9.61 -8.14
N VAL A 14 7.52 8.96 -8.80
CA VAL A 14 7.35 8.52 -10.20
C VAL A 14 7.50 6.99 -10.20
N TRP A 15 8.71 6.51 -9.90
CA TRP A 15 8.97 5.08 -9.73
C TRP A 15 8.31 4.51 -8.45
N THR A 16 7.90 5.41 -7.55
CA THR A 16 7.24 5.00 -6.31
C THR A 16 6.06 5.93 -6.09
N ASP A 17 5.18 5.54 -5.17
CA ASP A 17 4.08 6.41 -4.75
C ASP A 17 4.51 7.47 -3.72
N GLY A 18 5.81 7.74 -3.64
CA GLY A 18 6.28 8.70 -2.66
C GLY A 18 6.63 8.07 -1.32
N GLY A 19 6.32 6.78 -1.16
CA GLY A 19 6.56 6.08 0.09
C GLY A 19 8.03 6.01 0.50
N MET A 20 8.30 6.35 1.76
CA MET A 20 9.62 6.23 2.35
C MET A 20 9.43 5.45 3.66
N PHE A 21 9.85 4.18 3.66
CA PHE A 21 9.74 3.31 4.83
C PHE A 21 10.95 3.43 5.74
N TYR A 22 10.70 3.76 7.02
CA TYR A 22 11.75 3.84 8.02
C TYR A 22 11.51 2.76 9.07
N ASP A 23 12.57 2.11 9.52
CA ASP A 23 12.45 1.18 10.65
C ASP A 23 13.10 1.78 11.90
N GLN A 24 13.25 0.97 12.93
CA GLN A 24 13.82 1.43 14.19
C GLN A 24 15.34 1.46 14.21
N THR A 25 16.00 0.98 13.15
CA THR A 25 17.45 0.75 13.22
C THR A 25 18.25 1.61 12.25
N GLY A 26 17.60 2.51 11.54
CA GLY A 26 18.29 3.35 10.58
C GLY A 26 18.30 2.82 9.14
N ASN A 27 17.61 1.70 8.90
CA ASN A 27 17.46 1.18 7.54
C ASN A 27 16.31 1.92 6.84
N GLU A 28 16.23 1.78 5.52
CA GLU A 28 15.22 2.49 4.74
C GLU A 28 14.79 1.67 3.53
N TRP A 29 13.53 1.78 3.11
CA TRP A 29 13.01 1.03 1.97
C TRP A 29 12.32 1.95 0.96
N LYS A 30 12.34 1.53 -0.30
CA LYS A 30 11.39 2.05 -1.27
C LYS A 30 10.66 0.88 -1.93
N LYS A 31 9.46 1.16 -2.40
CA LYS A 31 8.70 0.16 -3.13
C LYS A 31 8.65 0.49 -4.61
N PHE A 32 9.37 -0.29 -5.41
CA PHE A 32 9.28 -0.14 -6.87
C PHE A 32 8.14 -0.97 -7.44
N ASN A 33 7.80 -0.72 -8.70
CA ASN A 33 6.79 -1.51 -9.40
C ASN A 33 7.44 -2.23 -10.57
N THR A 34 7.31 -3.56 -10.60
CA THR A 34 7.90 -4.32 -11.69
C THR A 34 7.47 -3.83 -13.07
N SER A 35 6.29 -3.22 -13.17
CA SER A 35 5.82 -2.70 -14.45
C SER A 35 6.78 -1.73 -15.13
N ASP A 36 7.40 -0.88 -14.31
CA ASP A 36 8.35 0.10 -14.84
C ASP A 36 9.59 -0.47 -15.55
N SER A 37 9.91 -1.73 -15.28
CA SER A 37 11.03 -2.32 -16.01
C SER A 37 10.77 -2.28 -17.50
N ALA A 38 9.50 -2.36 -17.89
CA ALA A 38 9.17 -2.37 -19.31
C ALA A 38 9.44 -1.03 -19.90
N GLY A 39 9.50 0.00 -19.05
CA GLY A 39 9.91 1.32 -19.52
C GLY A 39 11.33 1.23 -20.06
N ILE A 40 12.22 0.61 -19.29
CA ILE A 40 13.60 0.42 -19.74
C ILE A 40 13.62 -0.49 -20.97
N PHE A 41 12.86 -1.59 -20.94
CA PHE A 41 12.83 -2.51 -22.08
C PHE A 41 12.52 -1.78 -23.39
N TRP A 42 11.45 -0.99 -23.39
CA TRP A 42 11.07 -0.27 -24.63
C TRP A 42 12.08 0.81 -25.07
N ALA A 43 12.62 1.58 -24.12
CA ALA A 43 13.67 2.53 -24.46
C ALA A 43 14.82 1.82 -25.16
N HIS A 44 15.30 0.76 -24.54
CA HIS A 44 16.45 0.06 -25.08
C HIS A 44 16.12 -0.57 -26.44
N ASN A 45 14.90 -1.08 -26.57
CA ASN A 45 14.46 -1.67 -27.81
C ASN A 45 14.53 -0.65 -28.94
N LYS A 46 14.20 0.59 -28.61
CA LYS A 46 14.27 1.67 -29.59
C LYS A 46 15.62 2.37 -29.61
N GLY A 47 16.59 1.87 -28.85
CA GLY A 47 17.95 2.43 -28.88
C GLY A 47 18.09 3.76 -28.15
N ILE A 48 17.21 4.02 -27.20
CA ILE A 48 17.23 5.27 -26.43
C ILE A 48 17.73 4.96 -25.02
N PRO A 49 18.75 5.69 -24.56
CA PRO A 49 19.24 5.54 -23.19
C PRO A 49 18.31 6.20 -22.14
N VAL A 50 18.40 5.73 -20.91
CA VAL A 50 17.57 6.24 -19.81
C VAL A 50 18.51 6.69 -18.70
N GLY A 51 18.19 7.84 -18.11
CA GLY A 51 18.98 8.34 -17.00
C GLY A 51 18.10 8.68 -15.81
N ILE A 52 18.59 8.38 -14.60
CA ILE A 52 17.89 8.80 -13.38
C ILE A 52 18.53 10.07 -12.77
N LEU A 53 17.73 11.09 -12.43
CA LEU A 53 18.21 12.21 -11.65
C LEU A 53 17.40 12.27 -10.37
N THR A 54 18.04 12.04 -9.23
CA THR A 54 17.31 12.11 -7.97
C THR A 54 18.01 12.98 -6.92
N GLY A 55 17.21 13.73 -6.16
CA GLY A 55 17.72 14.52 -5.05
C GLY A 55 18.19 13.67 -3.88
N GLU A 56 17.59 12.50 -3.72
CA GLU A 56 17.95 11.55 -2.66
C GLU A 56 19.19 10.78 -3.05
N LYS A 57 19.83 10.13 -2.10
CA LYS A 57 20.95 9.30 -2.46
C LYS A 57 20.93 8.05 -1.59
N THR A 58 20.68 6.90 -2.21
CA THR A 58 20.48 5.66 -1.46
C THR A 58 21.03 4.47 -2.22
N GLU A 59 21.40 3.46 -1.46
N GLU A 59 21.44 3.46 -1.46
CA GLU A 59 21.81 2.18 -2.02
CA GLU A 59 21.82 2.18 -2.03
C GLU A 59 20.59 1.45 -2.59
C GLU A 59 20.58 1.52 -2.64
N ILE A 60 19.43 1.73 -2.01
CA ILE A 60 18.13 1.29 -2.57
C ILE A 60 18.05 1.60 -4.07
N VAL A 61 18.28 2.87 -4.42
CA VAL A 61 18.15 3.28 -5.81
C VAL A 61 19.34 2.83 -6.65
N ARG A 62 20.55 2.85 -6.07
CA ARG A 62 21.71 2.36 -6.84
C ARG A 62 21.48 0.93 -7.28
N ARG A 63 21.02 0.08 -6.37
CA ARG A 63 20.82 -1.35 -6.67
C ARG A 63 19.71 -1.54 -7.71
N ARG A 64 18.61 -0.81 -7.53
CA ARG A 64 17.49 -0.87 -8.46
C ARG A 64 17.94 -0.45 -9.87
N ALA A 65 18.71 0.63 -9.96
CA ALA A 65 19.15 1.13 -11.27
C ALA A 65 20.07 0.10 -11.93
N GLU A 66 20.95 -0.48 -11.14
CA GLU A 66 21.86 -1.53 -11.62
C GLU A 66 21.11 -2.75 -12.13
N LYS A 67 20.11 -3.20 -11.39
CA LYS A 67 19.38 -4.38 -11.83
C LYS A 67 18.64 -4.14 -13.14
N LEU A 68 18.11 -2.93 -13.31
CA LEU A 68 17.42 -2.58 -14.54
C LEU A 68 18.36 -2.11 -15.68
N LYS A 69 19.66 -2.09 -15.42
CA LYS A 69 20.61 -1.67 -16.45
C LYS A 69 20.31 -0.29 -16.96
N VAL A 70 19.97 0.61 -16.04
CA VAL A 70 19.76 1.99 -16.42
C VAL A 70 21.10 2.60 -16.85
N ASP A 71 21.07 3.42 -17.88
CA ASP A 71 22.29 3.87 -18.53
C ASP A 71 23.06 4.91 -17.72
N TYR A 72 22.34 5.82 -17.06
CA TYR A 72 22.97 6.84 -16.21
C TYR A 72 22.25 6.99 -14.88
N LEU A 73 23.02 7.14 -13.80
CA LEU A 73 22.44 7.40 -12.51
C LEU A 73 23.14 8.56 -11.83
N PHE A 74 22.38 9.60 -11.49
CA PHE A 74 22.90 10.71 -10.71
C PHE A 74 22.04 10.88 -9.48
N GLN A 75 22.67 10.71 -8.30
CA GLN A 75 21.98 10.84 -7.04
C GLN A 75 22.45 12.09 -6.30
N GLY A 76 21.68 12.51 -5.30
CA GLY A 76 22.04 13.68 -4.50
C GLY A 76 22.13 14.92 -5.37
N VAL A 77 21.33 14.95 -6.44
CA VAL A 77 21.32 16.09 -7.38
C VAL A 77 20.56 17.28 -6.81
N VAL A 78 21.21 18.44 -6.73
N VAL A 78 21.22 18.44 -6.73
CA VAL A 78 20.54 19.61 -6.16
CA VAL A 78 20.60 19.63 -6.15
C VAL A 78 19.90 20.47 -7.24
C VAL A 78 19.95 20.51 -7.22
N ASP A 79 20.49 20.46 -8.42
CA ASP A 79 20.00 21.25 -9.54
C ASP A 79 19.82 20.28 -10.72
N LYS A 80 18.61 19.78 -10.91
CA LYS A 80 18.39 18.81 -11.98
C LYS A 80 18.56 19.39 -13.37
N LEU A 81 18.12 20.64 -13.57
CA LEU A 81 18.29 21.26 -14.89
C LEU A 81 19.79 21.25 -15.24
N SER A 82 20.62 21.65 -14.29
N SER A 82 20.62 21.66 -14.30
CA SER A 82 22.06 21.70 -14.57
CA SER A 82 22.07 21.70 -14.57
C SER A 82 22.62 20.30 -14.82
C SER A 82 22.66 20.30 -14.80
N ALA A 83 22.22 19.33 -14.02
CA ALA A 83 22.72 17.96 -14.21
C ALA A 83 22.28 17.43 -15.58
N ALA A 84 21.04 17.72 -15.97
CA ALA A 84 20.56 17.32 -17.29
C ALA A 84 21.37 17.98 -18.42
N GLU A 85 21.62 19.29 -18.30
CA GLU A 85 22.42 19.98 -19.30
C GLU A 85 23.81 19.37 -19.44
N GLU A 86 24.43 19.04 -18.32
CA GLU A 86 25.79 18.52 -18.38
C GLU A 86 25.84 17.12 -18.98
N LEU A 87 24.88 16.28 -18.64
CA LEU A 87 24.83 14.96 -19.23
C LEU A 87 24.57 15.12 -20.73
N CYS A 88 23.64 15.99 -21.08
CA CYS A 88 23.28 16.16 -22.48
C CYS A 88 24.47 16.68 -23.26
N ASN A 89 25.25 17.54 -22.64
CA ASN A 89 26.38 18.15 -23.31
C ASN A 89 27.45 17.12 -23.67
N GLU A 90 27.62 16.15 -22.78
CA GLU A 90 28.52 15.04 -22.98
C GLU A 90 28.06 14.16 -24.14
N LEU A 91 26.74 14.01 -24.28
CA LEU A 91 26.16 13.12 -25.28
C LEU A 91 25.89 13.79 -26.62
N GLY A 92 26.03 15.11 -26.69
CA GLY A 92 25.69 15.82 -27.91
C GLY A 92 24.22 16.18 -28.08
N ILE A 93 23.47 16.11 -26.98
CA ILE A 93 21.99 16.17 -27.03
C ILE A 93 21.41 17.54 -26.62
N ASN A 94 20.38 18.02 -27.33
CA ASN A 94 19.66 19.26 -26.99
C ASN A 94 18.54 18.92 -26.01
N LEU A 95 18.22 19.80 -25.08
CA LEU A 95 17.09 19.50 -24.18
C LEU A 95 15.76 19.27 -24.92
N GLU A 96 15.59 19.89 -26.07
CA GLU A 96 14.37 19.66 -26.85
C GLU A 96 14.25 18.19 -27.34
N GLN A 97 15.37 17.46 -27.37
CA GLN A 97 15.40 16.04 -27.72
C GLN A 97 15.31 15.13 -26.46
N VAL A 98 14.97 15.72 -25.31
CA VAL A 98 14.87 14.97 -24.04
C VAL A 98 13.41 14.83 -23.60
N ALA A 99 13.05 13.66 -23.06
CA ALA A 99 11.78 13.54 -22.35
C ALA A 99 12.09 13.34 -20.88
N TYR A 100 11.51 14.19 -20.01
CA TYR A 100 11.73 14.04 -18.59
C TYR A 100 10.44 13.91 -17.83
N ILE A 101 10.43 13.03 -16.83
CA ILE A 101 9.27 12.89 -15.94
C ILE A 101 9.63 13.10 -14.45
N GLY A 102 8.85 13.94 -13.79
CA GLY A 102 9.11 14.26 -12.39
C GLY A 102 7.78 14.66 -11.75
N ASP A 103 7.75 14.79 -10.43
CA ASP A 103 6.50 15.06 -9.75
C ASP A 103 6.53 16.22 -8.76
N ASP A 104 7.67 16.87 -8.54
CA ASP A 104 7.66 17.86 -7.47
C ASP A 104 8.49 19.10 -7.74
N LEU A 105 8.63 19.90 -6.68
CA LEU A 105 9.25 21.22 -6.79
C LEU A 105 10.64 21.14 -7.41
N ASN A 106 11.43 20.12 -7.04
CA ASN A 106 12.81 20.01 -7.56
C ASN A 106 12.91 19.58 -9.04
N ASP A 107 11.78 19.25 -9.64
CA ASP A 107 11.71 18.87 -11.05
C ASP A 107 11.24 20.00 -11.96
N ALA A 108 10.67 21.05 -11.38
CA ALA A 108 9.94 22.02 -12.21
C ALA A 108 10.79 22.76 -13.22
N LYS A 109 11.99 23.20 -12.84
CA LYS A 109 12.83 23.97 -13.77
C LYS A 109 13.21 23.14 -14.98
N LEU A 110 13.55 21.87 -14.75
CA LEU A 110 13.88 20.99 -15.86
C LEU A 110 12.65 20.57 -16.71
N LEU A 111 11.53 20.25 -16.07
CA LEU A 111 10.28 20.01 -16.80
C LEU A 111 9.96 21.14 -17.77
N LYS A 112 10.20 22.38 -17.35
CA LYS A 112 9.88 23.52 -18.21
C LYS A 112 10.77 23.67 -19.45
N ARG A 113 11.89 22.94 -19.49
CA ARG A 113 12.88 23.13 -20.57
C ARG A 113 13.05 21.94 -21.52
N VAL A 114 12.42 20.80 -21.22
CA VAL A 114 12.63 19.60 -22.04
C VAL A 114 11.65 19.53 -23.18
N GLY A 115 11.93 18.68 -24.16
CA GLY A 115 11.06 18.53 -25.32
C GLY A 115 9.72 17.92 -24.98
N ILE A 116 9.71 16.93 -24.09
CA ILE A 116 8.45 16.40 -23.61
C ILE A 116 8.57 16.28 -22.12
N ALA A 117 7.61 16.89 -21.42
CA ALA A 117 7.56 16.83 -19.97
C ALA A 117 6.44 15.92 -19.54
N GLY A 118 6.74 15.02 -18.62
CA GLY A 118 5.71 14.17 -18.06
C GLY A 118 5.57 14.34 -16.56
N VAL A 119 4.33 14.31 -16.06
CA VAL A 119 4.09 14.40 -14.61
C VAL A 119 3.02 13.39 -14.18
N PRO A 120 3.25 12.60 -13.12
CA PRO A 120 2.20 11.63 -12.73
C PRO A 120 0.91 12.30 -12.23
N ALA A 121 -0.20 11.57 -12.32
CA ALA A 121 -1.50 12.13 -11.93
C ALA A 121 -1.56 12.42 -10.44
N SER A 122 -0.70 11.77 -9.68
CA SER A 122 -0.61 11.96 -8.23
C SER A 122 0.13 13.25 -7.77
N ALA A 123 0.73 14.00 -8.70
CA ALA A 123 1.57 15.15 -8.34
C ALA A 123 0.79 16.41 -7.96
N PRO A 124 1.44 17.39 -7.30
CA PRO A 124 0.75 18.64 -6.93
C PRO A 124 0.28 19.35 -8.19
N PHE A 125 -0.81 20.13 -8.13
CA PHE A 125 -1.35 20.73 -9.37
C PHE A 125 -0.35 21.65 -10.08
N TYR A 126 0.46 22.37 -9.33
CA TYR A 126 1.33 23.35 -10.02
C TYR A 126 2.50 22.68 -10.75
N ILE A 127 2.75 21.41 -10.43
CA ILE A 127 3.69 20.61 -11.20
C ILE A 127 2.98 19.91 -12.36
N ARG A 128 1.84 19.28 -12.08
N ARG A 128 1.84 19.27 -12.09
CA ARG A 128 1.06 18.57 -13.10
CA ARG A 128 1.07 18.57 -13.12
C ARG A 128 0.73 19.44 -14.31
C ARG A 128 0.79 19.47 -14.33
N ARG A 129 0.50 20.73 -14.07
CA ARG A 129 0.16 21.64 -15.13
C ARG A 129 1.35 21.91 -16.06
N LEU A 130 2.56 21.55 -15.64
CA LEU A 130 3.74 21.65 -16.52
C LEU A 130 3.83 20.51 -17.50
N SER A 131 3.07 19.45 -17.26
CA SER A 131 3.15 18.29 -18.13
C SER A 131 2.72 18.70 -19.56
N THR A 132 3.41 18.22 -20.59
CA THR A 132 3.01 18.54 -21.97
C THR A 132 2.28 17.38 -22.64
N ILE A 133 2.29 16.21 -21.99
CA ILE A 133 1.39 15.11 -22.38
C ILE A 133 0.58 14.64 -21.17
N PHE A 134 -0.57 14.05 -21.42
CA PHE A 134 -1.39 13.54 -20.33
C PHE A 134 -0.87 12.17 -19.87
N LEU A 135 -0.69 12.01 -18.56
CA LEU A 135 -0.38 10.68 -17.97
C LEU A 135 -1.52 10.30 -17.00
N GLU A 136 -2.09 9.10 -17.16
CA GLU A 136 -3.22 8.66 -16.34
C GLU A 136 -2.72 8.16 -15.00
N LYS A 137 -1.54 7.56 -15.00
CA LYS A 137 -1.08 6.76 -13.86
C LYS A 137 -0.48 7.59 -12.75
N ARG A 138 -0.57 7.08 -11.53
CA ARG A 138 0.00 7.76 -10.36
C ARG A 138 1.40 7.22 -10.12
N GLY A 139 2.21 7.96 -9.37
CA GLY A 139 3.50 7.44 -8.96
C GLY A 139 3.40 6.04 -8.37
N GLY A 140 4.32 5.17 -8.79
CA GLY A 140 4.38 3.81 -8.27
C GLY A 140 3.43 2.83 -8.95
N GLU A 141 2.60 3.34 -9.85
CA GLU A 141 1.61 2.51 -10.54
C GLU A 141 2.07 2.06 -11.92
N GLY A 142 3.33 2.32 -12.26
CA GLY A 142 3.81 2.06 -13.60
C GLY A 142 3.70 3.28 -14.51
N VAL A 143 3.77 4.46 -13.92
CA VAL A 143 3.70 5.68 -14.70
C VAL A 143 5.01 5.97 -15.49
N PHE A 144 6.14 5.45 -15.04
CA PHE A 144 7.35 5.58 -15.86
C PHE A 144 7.18 4.76 -17.16
N ARG A 145 6.70 3.53 -17.05
CA ARG A 145 6.30 2.77 -18.26
C ARG A 145 5.33 3.53 -19.14
N GLU A 146 4.27 4.09 -18.54
CA GLU A 146 3.28 4.82 -19.32
C GLU A 146 3.96 5.93 -20.10
N PHE A 147 4.83 6.67 -19.42
CA PHE A 147 5.58 7.79 -20.02
C PHE A 147 6.43 7.31 -21.18
N VAL A 148 7.21 6.27 -20.96
CA VAL A 148 8.08 5.76 -22.04
C VAL A 148 7.25 5.33 -23.25
N GLU A 149 6.19 4.56 -23.01
CA GLU A 149 5.40 4.07 -24.13
C GLU A 149 4.75 5.21 -24.90
N LYS A 150 4.28 6.24 -24.19
N LYS A 150 4.31 6.25 -24.21
CA LYS A 150 3.69 7.37 -24.89
CA LYS A 150 3.74 7.41 -24.88
C LYS A 150 4.75 8.06 -25.74
C LYS A 150 4.81 8.23 -25.62
N VAL A 151 5.83 8.53 -25.12
N VAL A 151 5.97 8.41 -25.00
CA VAL A 151 6.82 9.32 -25.85
CA VAL A 151 7.04 9.20 -25.61
C VAL A 151 7.49 8.58 -27.01
C VAL A 151 7.52 8.58 -26.92
N LEU A 152 7.57 7.25 -26.93
CA LEU A 152 8.17 6.47 -28.03
C LEU A 152 7.12 5.92 -28.98
N GLY A 153 5.86 6.22 -28.71
CA GLY A 153 4.77 5.78 -29.56
C GLY A 153 4.67 4.26 -29.62
N ILE A 154 4.93 3.59 -28.51
CA ILE A 154 4.85 2.13 -28.48
C ILE A 154 3.41 1.70 -28.70
N ASN A 155 3.17 0.90 -29.74
CA ASN A 155 1.81 0.54 -30.12
C ASN A 155 1.63 -0.97 -30.29
N LEU A 156 0.45 -1.38 -30.73
CA LEU A 156 0.14 -2.80 -30.84
C LEU A 156 1.10 -3.47 -31.82
N GLU A 157 1.50 -2.74 -32.86
CA GLU A 157 2.43 -3.27 -33.86
C GLU A 157 3.77 -3.62 -33.22
N ASP A 158 4.29 -2.76 -32.33
CA ASP A 158 5.55 -3.04 -31.65
C ASP A 158 5.38 -4.28 -30.76
N PHE A 159 4.24 -4.36 -30.09
CA PHE A 159 3.96 -5.48 -29.20
C PHE A 159 3.92 -6.79 -29.99
N ILE A 160 3.20 -6.78 -31.12
CA ILE A 160 3.15 -7.93 -32.01
C ILE A 160 4.55 -8.32 -32.49
N ALA A 161 5.33 -7.32 -32.87
CA ALA A 161 6.66 -7.60 -33.41
C ALA A 161 7.63 -8.09 -32.32
N VAL A 162 7.56 -7.51 -31.14
CA VAL A 162 8.49 -7.90 -30.09
C VAL A 162 8.25 -9.27 -29.41
N ILE A 163 7.06 -9.85 -29.55
CA ILE A 163 6.82 -11.25 -29.11
C ILE A 163 6.73 -12.34 -30.20
N GLN A 164 7.85 -12.74 -30.77
CA GLN A 164 7.81 -13.90 -31.69
C GLN A 164 8.80 -14.97 -31.25
N MET B 1 -7.26 33.38 5.39
CA MET B 1 -7.07 32.48 6.53
C MET B 1 -6.64 33.27 7.76
N LYS B 2 -6.91 32.72 8.94
CA LYS B 2 -6.41 33.25 10.21
C LYS B 2 -4.89 33.35 10.18
N GLU B 3 -4.36 34.35 10.88
CA GLU B 3 -2.92 34.46 11.08
C GLU B 3 -2.40 33.28 11.91
N ILE B 4 -1.46 32.53 11.37
CA ILE B 4 -0.94 31.34 12.03
C ILE B 4 0.52 31.54 12.40
N LYS B 5 0.86 31.24 13.65
CA LYS B 5 2.22 31.41 14.12
C LYS B 5 2.98 30.09 14.33
N LEU B 6 2.28 28.96 14.26
CA LEU B 6 2.85 27.66 14.61
C LEU B 6 1.94 26.63 13.98
N ILE B 7 2.55 25.66 13.32
CA ILE B 7 1.83 24.51 12.79
C ILE B 7 2.24 23.27 13.56
N LEU B 8 1.24 22.57 14.09
CA LEU B 8 1.47 21.37 14.88
C LEU B 8 0.79 20.22 14.15
N THR B 9 1.34 19.03 14.31
CA THR B 9 0.81 17.86 13.61
C THR B 9 1.00 16.58 14.39
N ASP B 10 -0.03 15.73 14.34
CA ASP B 10 0.08 14.32 14.69
C ASP B 10 0.88 13.56 13.61
N ILE B 11 1.30 12.32 13.89
CA ILE B 11 2.00 11.49 12.91
C ILE B 11 1.10 10.38 12.33
N ASP B 12 0.79 9.37 13.14
CA ASP B 12 0.02 8.20 12.62
C ASP B 12 -1.36 8.61 12.17
N GLY B 13 -1.70 8.29 10.92
CA GLY B 13 -3.00 8.64 10.38
C GLY B 13 -3.01 10.03 9.76
N VAL B 14 -1.90 10.76 9.88
CA VAL B 14 -1.72 12.01 9.13
C VAL B 14 -0.55 11.92 8.18
N TRP B 15 0.66 11.69 8.70
CA TRP B 15 1.86 11.55 7.89
C TRP B 15 1.92 10.14 7.33
N THR B 16 1.03 9.30 7.84
CA THR B 16 0.94 7.90 7.41
C THR B 16 -0.53 7.57 7.22
N ASP B 17 -0.82 6.44 6.57
CA ASP B 17 -2.19 5.96 6.47
C ASP B 17 -2.63 5.15 7.69
N GLY B 18 -1.90 5.30 8.79
CA GLY B 18 -2.21 4.54 9.99
C GLY B 18 -1.44 3.24 10.08
N GLY B 19 -0.74 2.90 8.99
CA GLY B 19 0.05 1.68 8.93
C GLY B 19 1.11 1.54 10.02
N MET B 20 1.14 0.37 10.65
CA MET B 20 2.15 0.03 11.64
C MET B 20 2.64 -1.37 11.25
N PHE B 21 3.85 -1.42 10.72
CA PHE B 21 4.42 -2.68 10.22
C PHE B 21 5.20 -3.36 11.31
N TYR B 22 4.90 -4.63 11.55
CA TYR B 22 5.64 -5.38 12.55
C TYR B 22 6.29 -6.57 11.87
N ASP B 23 7.55 -6.87 12.20
CA ASP B 23 8.17 -8.12 11.75
C ASP B 23 8.24 -9.17 12.88
N GLN B 24 9.02 -10.23 12.66
CA GLN B 24 9.11 -11.32 13.62
C GLN B 24 10.16 -11.03 14.70
N THR B 25 10.94 -9.95 14.53
CA THR B 25 12.07 -9.71 15.44
C THR B 25 11.91 -8.60 16.47
N GLY B 26 10.76 -7.91 16.49
CA GLY B 26 10.59 -6.79 17.40
C GLY B 26 10.86 -5.42 16.78
N ASN B 27 11.19 -5.40 15.49
CA ASN B 27 11.38 -4.17 14.73
C ASN B 27 10.03 -3.63 14.24
N GLU B 28 9.99 -2.37 13.83
CA GLU B 28 8.72 -1.72 13.46
C GLU B 28 8.98 -0.69 12.37
N TRP B 29 8.01 -0.49 11.49
CA TRP B 29 8.16 0.47 10.39
C TRP B 29 7.01 1.44 10.36
N LYS B 30 7.26 2.62 9.78
CA LYS B 30 6.17 3.44 9.28
C LYS B 30 6.50 3.81 7.85
N LYS B 31 5.46 4.08 7.07
CA LYS B 31 5.61 4.54 5.70
C LYS B 31 5.25 6.03 5.59
N PHE B 32 6.25 6.87 5.35
CA PHE B 32 6.03 8.30 5.16
C PHE B 32 5.84 8.61 3.67
N ASN B 33 5.38 9.82 3.34
CA ASN B 33 5.21 10.22 1.94
C ASN B 33 6.13 11.40 1.71
N THR B 34 7.01 11.28 0.73
CA THR B 34 7.96 12.34 0.42
C THR B 34 7.20 13.64 0.17
N SER B 35 5.95 13.54 -0.31
CA SER B 35 5.20 14.76 -0.59
C SER B 35 5.08 15.67 0.64
N ASP B 36 5.03 15.07 1.85
CA ASP B 36 4.85 15.91 3.03
C ASP B 36 6.04 16.80 3.39
N SER B 37 7.21 16.54 2.82
N SER B 37 7.22 16.53 2.82
CA SER B 37 8.36 17.40 3.09
CA SER B 37 8.37 17.39 3.05
C SER B 37 8.06 18.83 2.62
C SER B 37 8.05 18.82 2.63
N ALA B 38 7.27 18.97 1.56
CA ALA B 38 6.93 20.28 1.05
C ALA B 38 6.12 21.08 2.07
N GLY B 39 5.39 20.37 2.94
CA GLY B 39 4.68 21.02 4.04
C GLY B 39 5.69 21.79 4.91
N ILE B 40 6.79 21.14 5.28
CA ILE B 40 7.82 21.81 6.05
C ILE B 40 8.44 22.94 5.21
N PHE B 41 8.71 22.64 3.94
CA PHE B 41 9.31 23.63 3.05
C PHE B 41 8.51 24.91 3.05
N TRP B 42 7.20 24.79 2.85
CA TRP B 42 6.34 25.97 2.76
C TRP B 42 6.21 26.69 4.10
N ALA B 43 6.15 25.94 5.20
CA ALA B 43 6.08 26.57 6.51
C ALA B 43 7.34 27.40 6.75
N HIS B 44 8.49 26.80 6.51
CA HIS B 44 9.76 27.49 6.70
C HIS B 44 9.96 28.66 5.74
N ASN B 45 9.42 28.54 4.54
CA ASN B 45 9.48 29.64 3.58
C ASN B 45 8.69 30.83 4.12
N LYS B 46 7.62 30.56 4.86
CA LYS B 46 6.85 31.65 5.49
C LYS B 46 7.32 32.08 6.88
N GLY B 47 8.38 31.48 7.39
CA GLY B 47 8.87 31.80 8.72
C GLY B 47 8.06 31.19 9.86
N ILE B 48 7.39 30.07 9.60
N ILE B 48 7.43 30.05 9.59
CA ILE B 48 6.55 29.43 10.61
CA ILE B 48 6.53 29.39 10.54
C ILE B 48 7.13 28.09 11.02
C ILE B 48 7.18 28.07 11.01
N PRO B 49 7.34 27.89 12.33
CA PRO B 49 7.90 26.62 12.79
C PRO B 49 6.83 25.53 12.77
N VAL B 50 7.27 24.27 12.70
CA VAL B 50 6.36 23.14 12.74
C VAL B 50 6.75 22.27 13.94
N GLY B 51 5.76 21.76 14.67
CA GLY B 51 6.02 20.84 15.75
C GLY B 51 5.22 19.55 15.58
N ILE B 52 5.82 18.42 15.98
CA ILE B 52 5.12 17.12 16.01
C ILE B 52 4.66 16.82 17.42
N LEU B 53 3.39 16.43 17.57
CA LEU B 53 2.89 15.91 18.83
C LEU B 53 2.41 14.51 18.56
N THR B 54 3.03 13.53 19.20
CA THR B 54 2.58 12.18 18.98
C THR B 54 2.53 11.40 20.28
N GLY B 55 1.51 10.56 20.42
CA GLY B 55 1.41 9.70 21.57
C GLY B 55 2.34 8.49 21.51
N GLU B 56 2.74 8.09 20.30
CA GLU B 56 3.70 7.00 20.15
C GLU B 56 5.09 7.55 20.45
N LYS B 57 6.07 6.68 20.61
CA LYS B 57 7.44 7.13 20.77
C LYS B 57 8.41 6.16 20.12
N THR B 58 8.98 6.58 18.98
CA THR B 58 9.81 5.67 18.21
C THR B 58 11.07 6.35 17.64
N GLU B 59 12.08 5.55 17.35
CA GLU B 59 13.24 6.04 16.61
C GLU B 59 12.83 6.38 15.18
N ILE B 60 11.86 5.64 14.65
CA ILE B 60 11.33 5.91 13.31
C ILE B 60 10.98 7.39 13.18
N VAL B 61 10.21 7.88 14.14
CA VAL B 61 9.76 9.27 14.03
C VAL B 61 10.88 10.24 14.37
N ARG B 62 11.77 9.87 15.30
CA ARG B 62 12.98 10.70 15.53
C ARG B 62 13.74 10.92 14.24
N ARG B 63 13.93 9.85 13.47
CA ARG B 63 14.71 9.95 12.22
C ARG B 63 13.99 10.83 11.22
N ARG B 64 12.68 10.64 11.07
CA ARG B 64 11.94 11.41 10.09
C ARG B 64 11.91 12.90 10.45
N ALA B 65 11.68 13.21 11.72
CA ALA B 65 11.69 14.60 12.17
C ALA B 65 13.07 15.24 11.92
N GLU B 66 14.14 14.48 12.11
CA GLU B 66 15.50 14.98 11.83
C GLU B 66 15.70 15.25 10.33
N LYS B 67 15.39 14.26 9.52
CA LYS B 67 15.53 14.42 8.07
C LYS B 67 14.78 15.67 7.56
N LEU B 68 13.57 15.90 8.06
CA LEU B 68 12.76 17.03 7.59
C LEU B 68 13.00 18.37 8.31
N LYS B 69 13.94 18.38 9.26
CA LYS B 69 14.30 19.58 10.02
C LYS B 69 13.07 20.16 10.73
N VAL B 70 12.25 19.29 11.26
CA VAL B 70 11.09 19.73 11.99
C VAL B 70 11.60 20.44 13.25
N ASP B 71 10.97 21.55 13.60
CA ASP B 71 11.44 22.41 14.70
C ASP B 71 11.27 21.85 16.10
N TYR B 72 10.13 21.21 16.33
CA TYR B 72 9.80 20.63 17.63
C TYR B 72 9.35 19.20 17.44
N LEU B 73 9.74 18.34 18.39
CA LEU B 73 9.34 16.95 18.38
C LEU B 73 9.00 16.53 19.80
N PHE B 74 7.74 16.24 20.04
CA PHE B 74 7.29 15.74 21.34
C PHE B 74 6.67 14.38 21.13
N GLN B 75 7.28 13.33 21.67
CA GLN B 75 6.68 11.99 21.57
C GLN B 75 6.22 11.50 22.94
N GLY B 76 5.50 10.39 22.95
CA GLY B 76 4.92 9.88 24.18
C GLY B 76 3.99 10.87 24.86
N VAL B 77 3.38 11.73 24.07
CA VAL B 77 2.54 12.78 24.63
C VAL B 77 1.20 12.21 25.09
N VAL B 78 0.89 12.39 26.37
CA VAL B 78 -0.36 11.87 26.94
C VAL B 78 -1.52 12.85 26.85
N ASP B 79 -1.21 14.13 26.82
CA ASP B 79 -2.23 15.18 26.77
C ASP B 79 -1.76 16.21 25.75
N LYS B 80 -2.27 16.13 24.52
CA LYS B 80 -1.73 17.00 23.48
C LYS B 80 -2.13 18.47 23.66
N LEU B 81 -3.31 18.72 24.24
CA LEU B 81 -3.73 20.08 24.52
C LEU B 81 -2.76 20.75 25.48
N SER B 82 -2.46 20.08 26.60
CA SER B 82 -1.50 20.62 27.55
C SER B 82 -0.14 20.87 26.89
N ALA B 83 0.35 19.92 26.10
CA ALA B 83 1.65 20.08 25.45
C ALA B 83 1.62 21.30 24.55
N ALA B 84 0.53 21.44 23.79
CA ALA B 84 0.41 22.58 22.89
C ALA B 84 0.37 23.88 23.71
N GLU B 85 -0.47 23.89 24.76
CA GLU B 85 -0.53 25.11 25.57
C GLU B 85 0.83 25.48 26.13
N GLU B 86 1.59 24.49 26.58
CA GLU B 86 2.89 24.77 27.16
C GLU B 86 3.86 25.34 26.14
N LEU B 87 3.86 24.77 24.94
CA LEU B 87 4.72 25.30 23.87
C LEU B 87 4.26 26.68 23.42
N CYS B 88 2.96 26.91 23.36
CA CYS B 88 2.46 28.26 23.08
C CYS B 88 2.96 29.29 24.09
N ASN B 89 2.90 28.93 25.36
CA ASN B 89 3.36 29.82 26.43
C ASN B 89 4.84 30.13 26.25
N GLU B 90 5.65 29.10 25.96
CA GLU B 90 7.08 29.31 25.73
C GLU B 90 7.35 30.24 24.54
N LEU B 91 6.50 30.14 23.52
CA LEU B 91 6.69 30.90 22.29
C LEU B 91 6.02 32.29 22.35
N GLY B 92 5.17 32.51 23.34
CA GLY B 92 4.46 33.79 23.43
C GLY B 92 3.27 33.96 22.49
N ILE B 93 2.67 32.85 22.08
CA ILE B 93 1.47 32.93 21.26
C ILE B 93 0.29 32.24 21.95
N ASN B 94 -0.88 32.33 21.33
CA ASN B 94 -2.03 31.61 21.87
C ASN B 94 -2.53 30.56 20.88
N LEU B 95 -3.43 29.71 21.35
CA LEU B 95 -3.91 28.59 20.55
C LEU B 95 -4.65 29.07 19.30
N GLU B 96 -5.21 30.28 19.34
CA GLU B 96 -5.92 30.79 18.16
C GLU B 96 -4.97 31.02 16.98
N GLN B 97 -3.67 31.06 17.25
CA GLN B 97 -2.64 31.32 16.22
C GLN B 97 -1.94 30.00 15.85
N VAL B 98 -2.55 28.91 16.26
CA VAL B 98 -2.02 27.58 15.94
C VAL B 98 -2.92 26.91 14.90
N ALA B 99 -2.29 26.18 13.98
CA ALA B 99 -3.01 25.29 13.07
C ALA B 99 -2.57 23.88 13.45
N TYR B 100 -3.54 23.00 13.78
CA TYR B 100 -3.20 21.63 14.16
C TYR B 100 -3.97 20.65 13.29
N ILE B 101 -3.29 19.60 12.84
CA ILE B 101 -3.90 18.51 12.07
C ILE B 101 -3.74 17.19 12.82
N GLY B 102 -4.83 16.43 13.00
CA GLY B 102 -4.75 15.17 13.72
C GLY B 102 -5.90 14.30 13.23
N ASP B 103 -5.96 13.03 13.62
CA ASP B 103 -7.01 12.17 13.04
C ASP B 103 -7.80 11.33 14.05
N ASP B 104 -7.48 11.42 15.33
CA ASP B 104 -8.13 10.48 16.26
C ASP B 104 -8.46 11.03 17.63
N LEU B 105 -8.98 10.14 18.48
CA LEU B 105 -9.46 10.49 19.81
C LEU B 105 -8.49 11.33 20.62
N ASN B 106 -7.20 11.01 20.57
CA ASN B 106 -6.19 11.75 21.38
C ASN B 106 -5.90 13.17 20.84
N ASP B 107 -6.47 13.47 19.66
CA ASP B 107 -6.32 14.78 19.03
C ASP B 107 -7.50 15.71 19.29
N ALA B 108 -8.61 15.16 19.75
CA ALA B 108 -9.87 15.89 19.77
C ALA B 108 -9.88 17.16 20.64
N LYS B 109 -9.39 17.08 21.87
CA LYS B 109 -9.41 18.28 22.73
C LYS B 109 -8.61 19.40 22.12
N LEU B 110 -7.45 19.06 21.55
CA LEU B 110 -6.61 20.09 20.94
C LEU B 110 -7.26 20.64 19.67
N LEU B 111 -7.85 19.77 18.85
CA LEU B 111 -8.49 20.22 17.61
C LEU B 111 -9.58 21.24 17.90
N LYS B 112 -10.27 21.09 19.03
CA LYS B 112 -11.37 21.98 19.36
C LYS B 112 -10.93 23.35 19.86
N ARG B 113 -9.64 23.51 20.13
CA ARG B 113 -9.14 24.74 20.74
C ARG B 113 -8.26 25.59 19.80
N VAL B 114 -7.78 25.00 18.70
CA VAL B 114 -6.85 25.70 17.82
C VAL B 114 -7.53 26.67 16.87
N GLY B 115 -6.76 27.62 16.35
CA GLY B 115 -7.28 28.60 15.40
C GLY B 115 -7.71 27.96 14.10
N ILE B 116 -6.94 26.98 13.63
CA ILE B 116 -7.36 26.21 12.45
C ILE B 116 -7.13 24.72 12.71
N ALA B 117 -8.21 23.95 12.60
CA ALA B 117 -8.13 22.50 12.81
C ALA B 117 -8.26 21.77 11.50
N GLY B 118 -7.33 20.85 11.22
CA GLY B 118 -7.42 20.00 10.05
C GLY B 118 -7.53 18.54 10.43
N VAL B 119 -8.31 17.77 9.67
CA VAL B 119 -8.46 16.36 9.90
C VAL B 119 -8.49 15.67 8.54
N PRO B 120 -7.69 14.61 8.37
CA PRO B 120 -7.72 13.93 7.06
C PRO B 120 -9.09 13.30 6.76
N ALA B 121 -9.33 13.06 5.49
CA ALA B 121 -10.56 12.46 5.00
C ALA B 121 -10.75 11.01 5.49
N SER B 122 -9.65 10.37 5.86
CA SER B 122 -9.64 8.98 6.32
C SER B 122 -9.97 8.86 7.81
N ALA B 123 -10.24 9.97 8.48
CA ALA B 123 -10.45 9.94 9.94
C ALA B 123 -11.87 9.50 10.33
N PRO B 124 -12.04 9.03 11.57
CA PRO B 124 -13.39 8.78 12.08
C PRO B 124 -14.27 10.02 11.96
N PHE B 125 -15.53 9.79 11.67
CA PHE B 125 -16.49 10.85 11.50
C PHE B 125 -16.57 11.88 12.64
N TYR B 126 -16.55 11.42 13.89
CA TYR B 126 -16.67 12.37 15.00
C TYR B 126 -15.40 13.21 15.20
N ILE B 127 -14.30 12.81 14.55
CA ILE B 127 -13.10 13.66 14.54
C ILE B 127 -13.13 14.58 13.30
N ARG B 128 -13.51 14.03 12.15
N ARG B 128 -13.52 14.02 12.16
CA ARG B 128 -13.60 14.82 10.93
CA ARG B 128 -13.62 14.78 10.93
C ARG B 128 -14.47 16.06 11.11
C ARG B 128 -14.47 16.04 11.10
N ARG B 129 -15.57 15.92 11.83
CA ARG B 129 -16.48 17.05 12.01
C ARG B 129 -15.89 18.20 12.84
N LEU B 130 -14.78 17.96 13.50
CA LEU B 130 -14.07 19.02 14.21
C LEU B 130 -13.22 19.89 13.27
N SER B 131 -12.93 19.39 12.08
CA SER B 131 -12.10 20.15 11.13
C SER B 131 -12.79 21.49 10.83
N THR B 132 -12.01 22.58 10.75
CA THR B 132 -12.53 23.90 10.43
C THR B 132 -12.30 24.31 8.96
N ILE B 133 -11.47 23.54 8.28
CA ILE B 133 -11.29 23.58 6.82
C ILE B 133 -11.47 22.19 6.19
N PHE B 134 -11.88 22.16 4.93
CA PHE B 134 -12.00 20.90 4.23
C PHE B 134 -10.64 20.40 3.78
N LEU B 135 -10.32 19.13 4.06
CA LEU B 135 -9.14 18.47 3.50
C LEU B 135 -9.58 17.30 2.64
N GLU B 136 -9.10 17.24 1.41
CA GLU B 136 -9.52 16.19 0.49
C GLU B 136 -8.75 14.89 0.71
N LYS B 137 -7.48 15.00 1.08
CA LYS B 137 -6.62 13.81 1.10
C LYS B 137 -6.71 12.95 2.38
N ARG B 138 -6.38 11.67 2.25
CA ARG B 138 -6.36 10.77 3.41
C ARG B 138 -4.95 10.77 4.07
N GLY B 139 -4.85 10.24 5.29
CA GLY B 139 -3.55 10.10 5.93
C GLY B 139 -2.59 9.38 5.02
N GLY B 140 -1.35 9.87 4.97
CA GLY B 140 -0.31 9.27 4.16
C GLY B 140 -0.32 9.57 2.66
N GLU B 141 -1.31 10.34 2.22
N GLU B 141 -1.28 10.34 2.20
CA GLU B 141 -1.46 10.73 0.81
CA GLU B 141 -1.34 10.69 0.78
C GLU B 141 -0.82 12.09 0.48
C GLU B 141 -0.99 12.17 0.55
N GLY B 142 -0.23 12.74 1.47
CA GLY B 142 0.23 14.12 1.34
C GLY B 142 -0.77 15.12 1.95
N VAL B 143 -1.51 14.67 2.95
CA VAL B 143 -2.49 15.52 3.62
C VAL B 143 -1.83 16.55 4.56
N PHE B 144 -0.64 16.26 5.09
CA PHE B 144 0.12 17.29 5.81
C PHE B 144 0.48 18.44 4.86
N ARG B 145 1.05 18.10 3.71
CA ARG B 145 1.25 19.11 2.67
C ARG B 145 -0.01 19.87 2.29
N GLU B 146 -1.10 19.16 2.06
CA GLU B 146 -2.35 19.82 1.69
C GLU B 146 -2.77 20.81 2.78
N PHE B 147 -2.68 20.37 4.03
CA PHE B 147 -3.04 21.21 5.17
C PHE B 147 -2.20 22.48 5.21
N VAL B 148 -0.88 22.35 5.11
CA VAL B 148 0.01 23.53 5.18
C VAL B 148 -0.26 24.50 4.05
N GLU B 149 -0.38 23.97 2.82
CA GLU B 149 -0.62 24.80 1.65
C GLU B 149 -1.93 25.60 1.80
N LYS B 150 -2.94 25.00 2.42
CA LYS B 150 -4.21 25.76 2.60
C LYS B 150 -4.08 26.77 3.70
N VAL B 151 -3.52 26.32 4.82
CA VAL B 151 -3.37 27.20 5.97
C VAL B 151 -2.54 28.45 5.61
N LEU B 152 -1.53 28.26 4.77
CA LEU B 152 -0.68 29.40 4.43
C LEU B 152 -1.06 30.12 3.11
N GLY B 153 -2.13 29.69 2.46
CA GLY B 153 -2.54 30.30 1.20
C GLY B 153 -1.49 30.20 0.09
N ILE B 154 -0.74 29.11 0.06
CA ILE B 154 0.26 28.88 -0.98
C ILE B 154 -0.43 28.79 -2.32
N ASN B 155 -0.05 29.68 -3.25
CA ASN B 155 -0.67 29.74 -4.56
C ASN B 155 0.32 29.64 -5.71
N LEU B 156 -0.18 29.73 -6.95
CA LEU B 156 0.67 29.64 -8.13
C LEU B 156 1.81 30.68 -8.11
N GLU B 157 1.53 31.88 -7.66
CA GLU B 157 2.55 32.94 -7.56
C GLU B 157 3.68 32.54 -6.56
N ASP B 158 3.33 31.86 -5.47
CA ASP B 158 4.35 31.38 -4.53
C ASP B 158 5.24 30.33 -5.21
N PHE B 159 4.59 29.46 -5.98
CA PHE B 159 5.29 28.42 -6.69
C PHE B 159 6.30 29.01 -7.66
N ILE B 160 5.81 29.90 -8.54
CA ILE B 160 6.65 30.57 -9.52
C ILE B 160 7.86 31.25 -8.85
N ALA B 161 7.61 31.87 -7.71
CA ALA B 161 8.65 32.57 -6.98
C ALA B 161 9.75 31.64 -6.49
N VAL B 162 9.41 30.41 -6.11
CA VAL B 162 10.46 29.53 -5.55
C VAL B 162 11.29 28.77 -6.59
N ILE B 163 10.74 28.54 -7.77
CA ILE B 163 11.40 27.72 -8.78
C ILE B 163 12.13 28.54 -9.83
N GLN B 164 12.17 29.85 -9.66
CA GLN B 164 12.83 30.71 -10.64
C GLN B 164 14.25 30.23 -10.89
N MET C 1 -17.23 -23.82 -19.18
CA MET C 1 -15.81 -23.74 -18.83
C MET C 1 -15.05 -25.03 -19.19
N LYS C 2 -14.13 -24.89 -20.14
CA LYS C 2 -13.25 -25.99 -20.57
C LYS C 2 -12.70 -26.80 -19.39
N GLU C 3 -12.39 -28.06 -19.67
CA GLU C 3 -11.73 -28.94 -18.71
C GLU C 3 -10.26 -28.56 -18.51
N ILE C 4 -9.88 -28.37 -17.25
CA ILE C 4 -8.55 -27.90 -16.90
C ILE C 4 -7.88 -28.97 -16.06
N LYS C 5 -6.62 -29.28 -16.40
CA LYS C 5 -5.87 -30.34 -15.73
C LYS C 5 -4.67 -29.76 -15.00
N LEU C 6 -4.44 -28.49 -15.20
CA LEU C 6 -3.24 -27.88 -14.65
C LEU C 6 -3.49 -26.40 -14.64
N ILE C 7 -3.30 -25.80 -13.46
CA ILE C 7 -3.31 -24.36 -13.31
C ILE C 7 -1.89 -23.81 -13.14
N LEU C 8 -1.51 -22.85 -13.98
CA LEU C 8 -0.19 -22.23 -13.89
C LEU C 8 -0.36 -20.73 -13.62
N THR C 9 0.65 -20.14 -13.00
CA THR C 9 0.57 -18.74 -12.62
C THR C 9 1.92 -18.04 -12.56
N ASP C 10 1.96 -16.82 -13.08
CA ASP C 10 3.04 -15.87 -12.78
C ASP C 10 2.96 -15.37 -11.31
N ILE C 11 4.00 -14.71 -10.82
CA ILE C 11 3.95 -14.17 -9.47
C ILE C 11 3.75 -12.64 -9.49
N ASP C 12 4.77 -11.91 -9.94
CA ASP C 12 4.76 -10.43 -9.81
C ASP C 12 3.65 -9.84 -10.66
N GLY C 13 2.80 -9.01 -10.07
CA GLY C 13 1.71 -8.44 -10.84
C GLY C 13 0.48 -9.36 -10.90
N VAL C 14 0.60 -10.57 -10.40
CA VAL C 14 -0.55 -11.44 -10.19
C VAL C 14 -0.77 -11.70 -8.70
N TRP C 15 0.16 -12.43 -8.09
CA TRP C 15 0.15 -12.68 -6.64
C TRP C 15 0.59 -11.44 -5.86
N THR C 16 1.04 -10.42 -6.57
CA THR C 16 1.38 -9.15 -5.93
C THR C 16 0.90 -8.01 -6.84
N ASP C 17 0.95 -6.78 -6.33
CA ASP C 17 0.59 -5.63 -7.16
C ASP C 17 1.79 -5.14 -7.99
N GLY C 18 2.80 -6.00 -8.16
CA GLY C 18 4.00 -5.58 -8.86
C GLY C 18 5.03 -4.97 -7.92
N GLY C 19 4.66 -4.74 -6.66
CA GLY C 19 5.56 -4.20 -5.67
C GLY C 19 6.85 -4.98 -5.48
N MET C 20 7.98 -4.28 -5.53
CA MET C 20 9.27 -4.88 -5.24
C MET C 20 9.96 -3.97 -4.22
N PHE C 21 10.05 -4.41 -2.97
CA PHE C 21 10.61 -3.56 -1.93
C PHE C 21 12.10 -3.76 -1.78
N TYR C 22 12.89 -2.68 -1.80
CA TYR C 22 14.33 -2.80 -1.60
C TYR C 22 14.70 -1.97 -0.38
N ASP C 23 15.63 -2.51 0.42
CA ASP C 23 16.19 -1.78 1.54
C ASP C 23 17.63 -1.35 1.20
N GLN C 24 18.37 -0.84 2.18
CA GLN C 24 19.72 -0.35 1.95
C GLN C 24 20.79 -1.43 1.98
N THR C 25 20.39 -2.67 2.27
CA THR C 25 21.36 -3.76 2.51
C THR C 25 21.41 -4.86 1.44
N GLY C 26 20.53 -4.77 0.45
CA GLY C 26 20.50 -5.77 -0.60
C GLY C 26 19.40 -6.80 -0.35
N ASN C 27 18.57 -6.57 0.67
CA ASN C 27 17.47 -7.47 0.93
C ASN C 27 16.31 -7.02 0.07
N GLU C 28 15.28 -7.84 -0.04
CA GLU C 28 14.14 -7.57 -0.90
C GLU C 28 12.88 -8.19 -0.31
N TRP C 29 11.73 -7.52 -0.54
CA TRP C 29 10.43 -8.06 -0.14
C TRP C 29 9.44 -8.14 -1.28
N LYS C 30 8.46 -9.01 -1.10
CA LYS C 30 7.23 -8.94 -1.86
C LYS C 30 6.08 -9.07 -0.87
N LYS C 31 4.94 -8.50 -1.27
CA LYS C 31 3.73 -8.54 -0.48
C LYS C 31 2.69 -9.46 -1.12
N PHE C 32 2.46 -10.64 -0.53
CA PHE C 32 1.41 -11.57 -0.97
C PHE C 32 0.09 -11.24 -0.27
N ASN C 33 -0.99 -11.85 -0.75
CA ASN C 33 -2.31 -11.66 -0.16
C ASN C 33 -2.77 -13.03 0.32
N THR C 34 -3.05 -13.15 1.60
CA THR C 34 -3.53 -14.42 2.15
C THR C 34 -4.73 -14.96 1.37
N SER C 35 -5.54 -14.08 0.77
CA SER C 35 -6.70 -14.55 0.01
C SER C 35 -6.35 -15.54 -1.09
N ASP C 36 -5.19 -15.35 -1.72
CA ASP C 36 -4.80 -16.24 -2.80
C ASP C 36 -4.54 -17.69 -2.39
N SER C 37 -4.33 -17.94 -1.10
N SER C 37 -4.35 -17.95 -1.10
CA SER C 37 -4.12 -19.31 -0.65
CA SER C 37 -4.12 -19.31 -0.64
C SER C 37 -5.33 -20.15 -1.07
C SER C 37 -5.35 -20.17 -0.90
N ALA C 38 -6.51 -19.54 -1.00
CA ALA C 38 -7.75 -20.26 -1.28
C ALA C 38 -7.75 -20.76 -2.73
N GLY C 39 -7.02 -20.07 -3.60
CA GLY C 39 -6.82 -20.55 -4.97
C GLY C 39 -6.16 -21.93 -5.01
N ILE C 40 -5.14 -22.12 -4.18
CA ILE C 40 -4.50 -23.42 -4.08
C ILE C 40 -5.49 -24.39 -3.43
N PHE C 41 -6.17 -23.94 -2.37
CA PHE C 41 -7.18 -24.76 -1.73
C PHE C 41 -8.19 -25.32 -2.72
N TRP C 42 -8.81 -24.45 -3.51
CA TRP C 42 -9.84 -24.91 -4.43
C TRP C 42 -9.27 -25.84 -5.51
N ALA C 43 -8.06 -25.53 -6.01
CA ALA C 43 -7.38 -26.39 -7.00
C ALA C 43 -7.17 -27.78 -6.44
N HIS C 44 -6.59 -27.85 -5.26
CA HIS C 44 -6.38 -29.15 -4.64
C HIS C 44 -7.67 -29.89 -4.28
N ASN C 45 -8.70 -29.14 -3.90
CA ASN C 45 -10.01 -29.73 -3.64
C ASN C 45 -10.57 -30.45 -4.89
N LYS C 46 -10.27 -29.90 -6.06
CA LYS C 46 -10.69 -30.51 -7.32
C LYS C 46 -9.64 -31.44 -7.91
N GLY C 47 -8.56 -31.70 -7.18
CA GLY C 47 -7.52 -32.62 -7.65
C GLY C 47 -6.69 -32.07 -8.79
N ILE C 48 -6.53 -30.75 -8.83
CA ILE C 48 -5.77 -30.08 -9.90
C ILE C 48 -4.49 -29.49 -9.32
N PRO C 49 -3.33 -29.83 -9.92
CA PRO C 49 -2.08 -29.22 -9.46
C PRO C 49 -1.90 -27.82 -9.99
N VAL C 50 -1.13 -27.04 -9.23
CA VAL C 50 -0.82 -25.68 -9.56
C VAL C 50 0.70 -25.57 -9.65
N GLY C 51 1.17 -24.85 -10.66
CA GLY C 51 2.59 -24.59 -10.85
C GLY C 51 2.83 -23.10 -10.99
N ILE C 52 3.96 -22.66 -10.43
CA ILE C 52 4.42 -21.27 -10.57
C ILE C 52 5.52 -21.16 -11.64
N LEU C 53 5.33 -20.21 -12.56
CA LEU C 53 6.32 -19.86 -13.58
C LEU C 53 6.69 -18.39 -13.44
N THR C 54 7.92 -18.11 -13.01
CA THR C 54 8.32 -16.75 -12.83
C THR C 54 9.70 -16.50 -13.44
N GLY C 55 9.88 -15.31 -14.01
CA GLY C 55 11.17 -14.90 -14.53
C GLY C 55 12.14 -14.48 -13.45
N GLU C 56 11.64 -14.02 -12.31
CA GLU C 56 12.52 -13.68 -11.20
C GLU C 56 12.92 -14.96 -10.49
N LYS C 57 13.95 -14.88 -9.64
CA LYS C 57 14.25 -15.99 -8.76
C LYS C 57 14.61 -15.48 -7.38
N THR C 58 13.78 -15.81 -6.40
CA THR C 58 13.97 -15.28 -5.07
C THR C 58 13.69 -16.32 -4.02
N GLU C 59 14.31 -16.17 -2.86
CA GLU C 59 13.96 -16.97 -1.69
C GLU C 59 12.57 -16.62 -1.24
N ILE C 60 12.22 -15.34 -1.39
CA ILE C 60 10.88 -14.87 -1.12
C ILE C 60 9.83 -15.82 -1.71
N VAL C 61 9.90 -16.04 -3.02
CA VAL C 61 8.90 -16.87 -3.68
C VAL C 61 9.08 -18.37 -3.36
N ARG C 62 10.31 -18.81 -3.21
CA ARG C 62 10.58 -20.16 -2.73
C ARG C 62 9.80 -20.43 -1.43
N ARG C 63 9.91 -19.52 -0.45
CA ARG C 63 9.29 -19.71 0.85
C ARG C 63 7.76 -19.59 0.79
N ARG C 64 7.25 -18.62 0.02
CA ARG C 64 5.82 -18.53 -0.18
C ARG C 64 5.24 -19.78 -0.86
N ALA C 65 5.94 -20.30 -1.87
CA ALA C 65 5.41 -21.41 -2.65
C ALA C 65 5.35 -22.64 -1.78
N GLU C 66 6.31 -22.79 -0.88
CA GLU C 66 6.37 -23.95 -0.03
C GLU C 66 5.33 -23.86 1.06
N LYS C 67 5.16 -22.68 1.63
CA LYS C 67 4.10 -22.49 2.61
C LYS C 67 2.76 -22.92 2.01
N LEU C 68 2.50 -22.56 0.75
CA LEU C 68 1.20 -22.86 0.13
C LEU C 68 1.13 -24.27 -0.47
N LYS C 69 2.21 -25.03 -0.35
CA LYS C 69 2.28 -26.39 -0.89
C LYS C 69 1.97 -26.45 -2.38
N VAL C 70 2.53 -25.48 -3.11
CA VAL C 70 2.38 -25.42 -4.55
C VAL C 70 3.05 -26.65 -5.12
N ASP C 71 2.48 -27.19 -6.18
CA ASP C 71 2.98 -28.44 -6.75
C ASP C 71 4.24 -28.32 -7.60
N TYR C 72 4.34 -27.27 -8.40
CA TYR C 72 5.55 -27.03 -9.19
C TYR C 72 5.99 -25.59 -9.03
N LEU C 73 7.31 -25.39 -8.95
CA LEU C 73 7.85 -24.04 -8.87
C LEU C 73 9.03 -23.93 -9.83
N PHE C 74 8.91 -23.07 -10.84
CA PHE C 74 10.00 -22.80 -11.75
C PHE C 74 10.34 -21.31 -11.71
N GLN C 75 11.55 -20.97 -11.29
CA GLN C 75 11.97 -19.57 -11.23
C GLN C 75 13.06 -19.31 -12.25
N GLY C 76 13.35 -18.02 -12.49
CA GLY C 76 14.33 -17.64 -13.51
C GLY C 76 13.97 -18.27 -14.84
N VAL C 77 12.68 -18.41 -15.10
CA VAL C 77 12.23 -18.96 -16.38
C VAL C 77 12.32 -17.86 -17.42
N VAL C 78 13.00 -18.13 -18.53
CA VAL C 78 13.09 -17.14 -19.60
C VAL C 78 12.08 -17.40 -20.71
N ASP C 79 11.72 -18.66 -20.90
CA ASP C 79 10.77 -19.03 -21.93
C ASP C 79 9.57 -19.74 -21.28
N LYS C 80 8.54 -18.99 -20.92
CA LYS C 80 7.44 -19.60 -20.17
C LYS C 80 6.65 -20.59 -20.99
N LEU C 81 6.48 -20.33 -22.28
CA LEU C 81 5.77 -21.29 -23.12
C LEU C 81 6.49 -22.66 -23.14
N SER C 82 7.81 -22.66 -23.33
CA SER C 82 8.57 -23.92 -23.31
C SER C 82 8.47 -24.64 -21.97
N ALA C 83 8.43 -23.87 -20.89
CA ALA C 83 8.39 -24.48 -19.56
C ALA C 83 7.03 -25.15 -19.32
N ALA C 84 5.98 -24.52 -19.83
CA ALA C 84 4.63 -25.07 -19.71
C ALA C 84 4.53 -26.35 -20.52
N GLU C 85 5.04 -26.28 -21.74
CA GLU C 85 4.97 -27.44 -22.62
C GLU C 85 5.67 -28.64 -21.99
N GLU C 86 6.90 -28.42 -21.53
CA GLU C 86 7.64 -29.48 -20.83
C GLU C 86 6.86 -30.06 -19.66
N LEU C 87 6.22 -29.19 -18.90
CA LEU C 87 5.38 -29.62 -17.79
C LEU C 87 4.18 -30.45 -18.29
N CYS C 88 3.56 -30.01 -19.39
CA CYS C 88 2.44 -30.74 -19.94
C CYS C 88 2.85 -32.16 -20.33
N ASN C 89 4.03 -32.27 -20.94
CA ASN C 89 4.58 -33.56 -21.34
C ASN C 89 4.79 -34.50 -20.15
N GLU C 90 5.28 -33.96 -19.04
CA GLU C 90 5.44 -34.74 -17.82
C GLU C 90 4.12 -35.29 -17.31
N LEU C 91 3.05 -34.51 -17.46
CA LEU C 91 1.74 -34.89 -16.94
C LEU C 91 0.88 -35.58 -18.00
N GLY C 92 1.40 -35.67 -19.22
CA GLY C 92 0.63 -36.22 -20.32
C GLY C 92 -0.63 -35.43 -20.64
N ILE C 93 -0.52 -34.10 -20.61
CA ILE C 93 -1.65 -33.27 -20.96
C ILE C 93 -1.25 -32.31 -22.06
N ASN C 94 -2.22 -31.62 -22.64
CA ASN C 94 -1.87 -30.62 -23.64
C ASN C 94 -2.17 -29.19 -23.16
N LEU C 95 -1.64 -28.20 -23.86
CA LEU C 95 -1.86 -26.80 -23.48
C LEU C 95 -3.34 -26.40 -23.39
N GLU C 96 -4.17 -27.02 -24.22
CA GLU C 96 -5.60 -26.71 -24.21
C GLU C 96 -6.26 -27.03 -22.86
N GLN C 97 -5.60 -27.83 -22.04
CA GLN C 97 -6.11 -28.19 -20.71
C GLN C 97 -5.38 -27.42 -19.60
N VAL C 98 -4.67 -26.36 -19.97
CA VAL C 98 -4.00 -25.54 -18.96
C VAL C 98 -4.75 -24.21 -18.86
N ALA C 99 -4.91 -23.72 -17.64
CA ALA C 99 -5.31 -22.35 -17.39
C ALA C 99 -4.09 -21.60 -16.84
N TYR C 100 -3.73 -20.48 -17.48
CA TYR C 100 -2.56 -19.70 -17.08
C TYR C 100 -2.98 -18.25 -16.85
N ILE C 101 -2.47 -17.65 -15.77
CA ILE C 101 -2.68 -16.24 -15.51
C ILE C 101 -1.33 -15.52 -15.38
N GLY C 102 -1.20 -14.42 -16.13
CA GLY C 102 0.04 -13.64 -16.18
C GLY C 102 -0.33 -12.20 -16.50
N ASP C 103 0.60 -11.27 -16.33
CA ASP C 103 0.24 -9.86 -16.48
C ASP C 103 1.15 -9.05 -17.38
N ASP C 104 2.16 -9.65 -18.00
CA ASP C 104 3.13 -8.80 -18.71
C ASP C 104 3.80 -9.47 -19.91
N LEU C 105 4.77 -8.78 -20.51
CA LEU C 105 5.41 -9.25 -21.74
C LEU C 105 5.88 -10.72 -21.72
N ASN C 106 6.53 -11.16 -20.63
CA ASN C 106 7.10 -12.51 -20.56
C ASN C 106 6.03 -13.59 -20.52
N ASP C 107 4.79 -13.15 -20.40
CA ASP C 107 3.64 -14.06 -20.32
C ASP C 107 2.85 -14.22 -21.61
N ALA C 108 3.03 -13.30 -22.54
CA ALA C 108 2.14 -13.26 -23.70
C ALA C 108 2.13 -14.51 -24.59
N LYS C 109 3.30 -15.10 -24.83
CA LYS C 109 3.34 -16.23 -25.74
C LYS C 109 2.58 -17.41 -25.15
N LEU C 110 2.76 -17.63 -23.86
CA LEU C 110 2.01 -18.68 -23.20
C LEU C 110 0.50 -18.36 -23.12
N LEU C 111 0.14 -17.14 -22.73
CA LEU C 111 -1.27 -16.76 -22.66
C LEU C 111 -2.01 -17.08 -23.95
N LYS C 112 -1.33 -16.87 -25.08
CA LYS C 112 -1.91 -17.09 -26.39
C LYS C 112 -2.20 -18.57 -26.69
N ARG C 113 -1.62 -19.47 -25.91
CA ARG C 113 -1.59 -20.88 -26.32
C ARG C 113 -2.37 -21.79 -25.37
N VAL C 114 -2.78 -21.26 -24.21
CA VAL C 114 -3.50 -22.09 -23.23
C VAL C 114 -5.02 -22.14 -23.44
N GLY C 115 -5.68 -23.15 -22.87
CA GLY C 115 -7.12 -23.27 -22.98
C GLY C 115 -7.85 -22.10 -22.32
N ILE C 116 -7.36 -21.64 -21.16
CA ILE C 116 -7.96 -20.47 -20.52
C ILE C 116 -6.86 -19.51 -20.08
N ALA C 117 -6.88 -18.29 -20.61
CA ALA C 117 -5.89 -17.29 -20.27
C ALA C 117 -6.58 -16.23 -19.42
N GLY C 118 -5.96 -15.90 -18.29
CA GLY C 118 -6.44 -14.88 -17.36
C GLY C 118 -5.39 -13.81 -17.17
N VAL C 119 -5.81 -12.55 -17.16
CA VAL C 119 -4.91 -11.40 -17.01
C VAL C 119 -5.59 -10.44 -16.05
N PRO C 120 -4.87 -10.02 -15.01
CA PRO C 120 -5.47 -9.14 -14.01
C PRO C 120 -5.83 -7.79 -14.60
N ALA C 121 -6.76 -7.09 -13.94
CA ALA C 121 -7.28 -5.81 -14.41
C ALA C 121 -6.19 -4.76 -14.50
N SER C 122 -5.15 -4.99 -13.71
CA SER C 122 -4.08 -4.00 -13.60
C SER C 122 -3.07 -4.08 -14.74
N ALA C 123 -3.21 -5.07 -15.64
CA ALA C 123 -2.15 -5.31 -16.62
C ALA C 123 -2.17 -4.35 -17.82
N PRO C 124 -1.06 -4.26 -18.57
CA PRO C 124 -1.05 -3.39 -19.76
C PRO C 124 -2.12 -3.80 -20.74
N PHE C 125 -2.65 -2.84 -21.48
CA PHE C 125 -3.78 -3.11 -22.37
C PHE C 125 -3.52 -4.23 -23.38
N TYR C 126 -2.30 -4.31 -23.88
CA TYR C 126 -2.00 -5.26 -24.93
C TYR C 126 -1.86 -6.69 -24.39
N ILE C 127 -1.64 -6.82 -23.07
CA ILE C 127 -1.70 -8.12 -22.42
C ILE C 127 -3.14 -8.47 -22.02
N ARG C 128 -3.88 -7.51 -21.46
CA ARG C 128 -5.25 -7.76 -21.06
C ARG C 128 -6.14 -8.24 -22.19
N ARG C 129 -5.88 -7.81 -23.42
CA ARG C 129 -6.71 -8.28 -24.51
C ARG C 129 -6.48 -9.75 -24.87
N LEU C 130 -5.44 -10.38 -24.32
CA LEU C 130 -5.21 -11.81 -24.54
C LEU C 130 -6.04 -12.67 -23.61
N SER C 131 -6.55 -12.07 -22.53
CA SER C 131 -7.35 -12.81 -21.55
C SER C 131 -8.56 -13.40 -22.28
N THR C 132 -8.92 -14.66 -22.00
CA THR C 132 -10.10 -15.25 -22.60
C THR C 132 -11.30 -15.29 -21.65
N ILE C 133 -11.06 -14.95 -20.37
CA ILE C 133 -12.15 -14.68 -19.42
C ILE C 133 -11.92 -13.30 -18.79
N PHE C 134 -12.97 -12.66 -18.33
CA PHE C 134 -12.85 -11.40 -17.61
C PHE C 134 -12.43 -11.61 -16.17
N LEU C 135 -11.42 -10.88 -15.71
CA LEU C 135 -11.07 -10.86 -14.28
C LEU C 135 -11.22 -9.43 -13.75
N GLU C 136 -11.96 -9.29 -12.66
N GLU C 136 -11.96 -9.29 -12.66
CA GLU C 136 -12.22 -7.99 -12.07
CA GLU C 136 -12.21 -7.98 -12.09
C GLU C 136 -11.02 -7.47 -11.31
C GLU C 136 -11.01 -7.47 -11.32
N LYS C 137 -10.30 -8.37 -10.65
CA LYS C 137 -9.30 -7.95 -9.67
C LYS C 137 -7.94 -7.58 -10.26
N ARG C 138 -7.25 -6.70 -9.54
CA ARG C 138 -5.90 -6.30 -9.92
C ARG C 138 -4.91 -7.20 -9.22
N GLY C 139 -3.66 -7.11 -9.67
CA GLY C 139 -2.61 -7.89 -9.08
C GLY C 139 -2.48 -7.59 -7.61
N GLY C 140 -2.27 -8.64 -6.83
CA GLY C 140 -2.18 -8.50 -5.39
C GLY C 140 -3.52 -8.33 -4.67
N GLU C 141 -4.63 -8.27 -5.41
CA GLU C 141 -5.97 -8.13 -4.80
C GLU C 141 -6.72 -9.44 -4.54
N GLY C 142 -6.06 -10.58 -4.71
CA GLY C 142 -6.79 -11.84 -4.65
C GLY C 142 -7.20 -12.30 -6.04
N VAL C 143 -6.45 -11.87 -7.04
CA VAL C 143 -6.86 -12.16 -8.43
C VAL C 143 -6.50 -13.58 -8.84
N PHE C 144 -5.51 -14.16 -8.17
CA PHE C 144 -5.21 -15.56 -8.43
C PHE C 144 -6.41 -16.41 -7.93
N ARG C 145 -6.93 -16.08 -6.76
CA ARG C 145 -8.13 -16.73 -6.21
C ARG C 145 -9.34 -16.56 -7.13
N GLU C 146 -9.55 -15.33 -7.60
CA GLU C 146 -10.63 -15.06 -8.54
C GLU C 146 -10.47 -16.00 -9.75
N PHE C 147 -9.25 -16.08 -10.26
CA PHE C 147 -8.99 -16.88 -11.47
C PHE C 147 -9.30 -18.35 -11.27
N VAL C 148 -8.83 -18.92 -10.16
CA VAL C 148 -9.06 -20.33 -9.90
C VAL C 148 -10.56 -20.59 -9.69
N GLU C 149 -11.20 -19.71 -8.91
CA GLU C 149 -12.62 -19.89 -8.63
C GLU C 149 -13.44 -19.84 -9.92
N LYS C 150 -13.04 -18.98 -10.86
CA LYS C 150 -13.78 -18.91 -12.11
C LYS C 150 -13.51 -20.13 -12.98
N VAL C 151 -12.24 -20.44 -13.11
CA VAL C 151 -11.80 -21.57 -13.92
C VAL C 151 -12.43 -22.92 -13.49
N LEU C 152 -12.55 -23.14 -12.19
CA LEU C 152 -13.10 -24.40 -11.67
C LEU C 152 -14.61 -24.38 -11.36
N GLY C 153 -15.25 -23.26 -11.64
CA GLY C 153 -16.68 -23.12 -11.40
C GLY C 153 -17.04 -23.21 -9.94
N ILE C 154 -16.18 -22.70 -9.08
CA ILE C 154 -16.46 -22.75 -7.64
C ILE C 154 -17.71 -21.94 -7.32
N ASN C 155 -18.71 -22.58 -6.73
CA ASN C 155 -19.97 -21.90 -6.44
C ASN C 155 -20.41 -22.08 -5.00
N LEU C 156 -21.58 -21.55 -4.66
CA LEU C 156 -22.04 -21.55 -3.29
C LEU C 156 -22.20 -22.99 -2.76
N GLU C 157 -22.68 -23.88 -3.62
CA GLU C 157 -22.79 -25.29 -3.26
C GLU C 157 -21.41 -25.87 -2.85
N ASP C 158 -20.36 -25.54 -3.59
CA ASP C 158 -19.00 -25.99 -3.21
C ASP C 158 -18.64 -25.45 -1.84
N PHE C 159 -18.92 -24.17 -1.62
CA PHE C 159 -18.64 -23.55 -0.36
C PHE C 159 -19.35 -24.24 0.79
N ILE C 160 -20.66 -24.44 0.65
CA ILE C 160 -21.44 -25.10 1.70
C ILE C 160 -20.85 -26.48 1.97
N ALA C 161 -20.53 -27.21 0.90
CA ALA C 161 -19.90 -28.53 1.01
C ALA C 161 -18.65 -28.52 1.87
N VAL C 162 -17.73 -27.59 1.60
CA VAL C 162 -16.43 -27.61 2.30
C VAL C 162 -16.46 -27.15 3.75
N ILE C 163 -17.45 -26.36 4.13
CA ILE C 163 -17.54 -26.01 5.55
C ILE C 163 -18.36 -27.07 6.31
N GLN C 164 -19.35 -27.65 5.64
CA GLN C 164 -20.11 -28.75 6.24
C GLN C 164 -19.27 -30.01 6.28
N MET D 1 -28.28 -3.22 19.23
CA MET D 1 -27.42 -4.40 19.15
C MET D 1 -27.54 -5.24 20.43
N LYS D 2 -27.53 -6.56 20.27
CA LYS D 2 -27.73 -7.46 21.41
C LYS D 2 -26.70 -7.18 22.50
N GLU D 3 -26.99 -7.62 23.72
CA GLU D 3 -26.00 -7.52 24.79
C GLU D 3 -24.83 -8.43 24.45
N ILE D 4 -23.71 -7.83 24.06
CA ILE D 4 -22.51 -8.59 23.76
C ILE D 4 -21.65 -8.68 25.01
N LYS D 5 -21.04 -9.84 25.25
CA LYS D 5 -20.19 -10.01 26.43
C LYS D 5 -18.78 -10.38 26.04
N LEU D 6 -18.56 -10.62 24.76
CA LEU D 6 -17.24 -10.96 24.26
C LEU D 6 -17.13 -10.61 22.77
N ILE D 7 -16.07 -9.91 22.40
CA ILE D 7 -15.79 -9.62 21.00
C ILE D 7 -14.60 -10.45 20.58
N LEU D 8 -14.78 -11.24 19.51
CA LEU D 8 -13.72 -12.07 18.98
C LEU D 8 -13.36 -11.62 17.56
N THR D 9 -12.11 -11.79 17.17
CA THR D 9 -11.69 -11.30 15.87
C THR D 9 -10.61 -12.13 15.25
N ASP D 10 -10.72 -12.30 13.93
CA ASP D 10 -9.65 -12.86 13.11
C ASP D 10 -8.57 -11.77 12.91
N ILE D 11 -7.38 -12.14 12.42
CA ILE D 11 -6.36 -11.10 12.12
C ILE D 11 -6.26 -10.82 10.61
N ASP D 12 -5.69 -11.77 9.86
CA ASP D 12 -5.36 -11.53 8.45
C ASP D 12 -6.61 -11.24 7.61
N GLY D 13 -6.67 -10.11 6.93
CA GLY D 13 -7.89 -9.77 6.20
C GLY D 13 -8.93 -9.05 7.05
N VAL D 14 -8.68 -8.95 8.35
CA VAL D 14 -9.50 -8.07 9.17
C VAL D 14 -8.67 -6.90 9.72
N TRP D 15 -7.68 -7.23 10.54
CA TRP D 15 -6.76 -6.24 11.09
C TRP D 15 -5.76 -5.82 10.04
N THR D 16 -5.71 -6.57 8.94
CA THR D 16 -4.87 -6.24 7.81
C THR D 16 -5.66 -6.39 6.51
N ASP D 17 -5.11 -5.90 5.42
CA ASP D 17 -5.70 -6.13 4.10
C ASP D 17 -5.33 -7.51 3.52
N GLY D 18 -4.87 -8.43 4.36
CA GLY D 18 -4.45 -9.74 3.88
C GLY D 18 -2.99 -9.77 3.44
N GLY D 19 -2.32 -8.63 3.51
CA GLY D 19 -0.92 -8.53 3.11
C GLY D 19 -0.04 -9.40 4.00
N MET D 20 0.79 -10.20 3.36
CA MET D 20 1.82 -10.98 4.05
C MET D 20 3.13 -10.71 3.34
N PHE D 21 4.00 -9.97 4.02
CA PHE D 21 5.28 -9.54 3.43
C PHE D 21 6.37 -10.55 3.78
N TYR D 22 7.10 -11.03 2.78
CA TYR D 22 8.20 -11.96 3.00
C TYR D 22 9.48 -11.31 2.49
N ASP D 23 10.57 -11.45 3.22
CA ASP D 23 11.86 -11.06 2.69
C ASP D 23 12.65 -12.28 2.22
N GLN D 24 13.94 -12.06 1.97
CA GLN D 24 14.80 -13.10 1.43
C GLN D 24 15.33 -14.00 2.52
N THR D 25 15.09 -13.64 3.78
CA THR D 25 15.80 -14.32 4.87
C THR D 25 14.94 -15.18 5.78
N GLY D 26 13.66 -15.31 5.45
CA GLY D 26 12.75 -16.02 6.33
C GLY D 26 12.07 -15.12 7.36
N ASN D 27 12.17 -13.80 7.21
CA ASN D 27 11.43 -12.92 8.12
C ASN D 27 10.06 -12.64 7.49
N GLU D 28 9.12 -12.09 8.25
CA GLU D 28 7.79 -11.88 7.71
C GLU D 28 7.17 -10.64 8.39
N TRP D 29 6.28 -9.93 7.72
CA TRP D 29 5.65 -8.73 8.30
C TRP D 29 4.13 -8.78 8.15
N LYS D 30 3.43 -8.07 9.02
CA LYS D 30 2.07 -7.66 8.75
C LYS D 30 1.99 -6.16 8.94
N LYS D 31 1.01 -5.55 8.28
CA LYS D 31 0.73 -4.15 8.44
C LYS D 31 -0.58 -3.97 9.17
N PHE D 32 -0.53 -3.49 10.40
CA PHE D 32 -1.73 -3.19 11.17
C PHE D 32 -2.15 -1.75 10.94
N ASN D 33 -3.32 -1.38 11.42
CA ASN D 33 -3.77 0.00 11.29
C ASN D 33 -4.02 0.55 12.68
N THR D 34 -3.40 1.69 12.97
CA THR D 34 -3.53 2.29 14.28
C THR D 34 -5.00 2.52 14.64
N SER D 35 -5.82 2.77 13.62
CA SER D 35 -7.24 3.00 13.88
C SER D 35 -7.91 1.88 14.69
N ASP D 36 -7.51 0.63 14.45
CA ASP D 36 -8.12 -0.48 15.14
C ASP D 36 -7.88 -0.53 16.65
N SER D 37 -6.85 0.16 17.14
CA SER D 37 -6.61 0.16 18.55
C SER D 37 -7.82 0.78 19.24
N ALA D 38 -8.56 1.63 18.52
CA ALA D 38 -9.73 2.26 19.14
C ALA D 38 -10.80 1.23 19.38
N GLY D 39 -10.75 0.14 18.60
CA GLY D 39 -11.68 -0.96 18.81
C GLY D 39 -11.50 -1.63 20.18
N ILE D 40 -10.25 -1.76 20.59
CA ILE D 40 -9.94 -2.25 21.93
C ILE D 40 -10.33 -1.19 22.98
N PHE D 41 -10.03 0.06 22.70
CA PHE D 41 -10.41 1.13 23.63
C PHE D 41 -11.91 1.15 23.92
N TRP D 42 -12.73 1.11 22.86
CA TRP D 42 -14.17 1.11 23.03
C TRP D 42 -14.69 -0.16 23.74
N ALA D 43 -14.16 -1.32 23.38
CA ALA D 43 -14.52 -2.54 24.08
C ALA D 43 -14.20 -2.43 25.57
N HIS D 44 -13.00 -1.98 25.91
CA HIS D 44 -12.65 -1.90 27.33
C HIS D 44 -13.45 -0.83 28.11
N ASN D 45 -13.66 0.31 27.48
CA ASN D 45 -14.51 1.36 28.04
C ASN D 45 -15.89 0.82 28.44
N LYS D 46 -16.40 -0.13 27.66
CA LYS D 46 -17.72 -0.71 27.95
C LYS D 46 -17.67 -2.02 28.76
N GLY D 47 -16.51 -2.37 29.30
CA GLY D 47 -16.37 -3.58 30.10
C GLY D 47 -16.41 -4.90 29.33
N ILE D 48 -15.89 -4.89 28.10
CA ILE D 48 -15.93 -6.10 27.30
C ILE D 48 -14.54 -6.52 26.88
N PRO D 49 -14.18 -7.78 27.17
CA PRO D 49 -12.92 -8.40 26.74
C PRO D 49 -12.91 -8.61 25.21
N VAL D 50 -11.73 -8.55 24.63
CA VAL D 50 -11.54 -8.86 23.23
C VAL D 50 -10.60 -10.05 23.11
N GLY D 51 -10.89 -10.96 22.19
CA GLY D 51 -10.04 -12.11 21.96
C GLY D 51 -9.75 -12.28 20.48
N ILE D 52 -8.55 -12.74 20.19
CA ILE D 52 -8.10 -12.99 18.82
C ILE D 52 -8.07 -14.49 18.54
N LEU D 53 -8.67 -14.89 17.41
CA LEU D 53 -8.58 -16.26 16.93
C LEU D 53 -7.94 -16.28 15.55
N THR D 54 -6.74 -16.85 15.46
CA THR D 54 -6.03 -16.85 14.19
C THR D 54 -5.45 -18.23 13.79
N GLY D 55 -5.62 -18.60 12.52
CA GLY D 55 -5.05 -19.81 11.98
C GLY D 55 -3.55 -19.73 11.88
N GLU D 56 -3.02 -18.52 11.73
CA GLU D 56 -1.58 -18.31 11.67
C GLU D 56 -0.99 -18.31 13.07
N LYS D 57 0.33 -18.33 13.15
CA LYS D 57 0.98 -18.22 14.46
C LYS D 57 2.31 -17.52 14.28
N THR D 58 2.40 -16.29 14.80
CA THR D 58 3.59 -15.47 14.57
C THR D 58 3.94 -14.65 15.79
N GLU D 59 5.20 -14.28 15.90
N GLU D 59 5.22 -14.28 15.91
CA GLU D 59 5.58 -13.31 16.93
CA GLU D 59 5.63 -13.31 16.91
C GLU D 59 5.03 -11.94 16.55
C GLU D 59 5.03 -11.94 16.55
N ILE D 60 4.80 -11.72 15.26
CA ILE D 60 4.21 -10.46 14.76
C ILE D 60 2.93 -10.19 15.54
N VAL D 61 2.02 -11.16 15.50
CA VAL D 61 0.74 -11.05 16.18
C VAL D 61 0.85 -11.06 17.72
N ARG D 62 1.76 -11.84 18.26
CA ARG D 62 1.88 -11.83 19.72
C ARG D 62 2.27 -10.42 20.19
N ARG D 63 3.13 -9.77 19.42
N ARG D 63 3.14 -9.76 19.45
CA ARG D 63 3.63 -8.46 19.80
CA ARG D 63 3.58 -8.44 19.91
C ARG D 63 2.53 -7.41 19.69
C ARG D 63 2.48 -7.40 19.74
N ARG D 64 1.70 -7.53 18.67
CA ARG D 64 0.61 -6.59 18.46
C ARG D 64 -0.46 -6.78 19.53
N ALA D 65 -0.75 -8.03 19.89
CA ALA D 65 -1.80 -8.27 20.89
C ALA D 65 -1.36 -7.74 22.27
N GLU D 66 -0.07 -7.90 22.58
CA GLU D 66 0.50 -7.33 23.79
C GLU D 66 0.37 -5.80 23.82
N LYS D 67 0.83 -5.14 22.77
CA LYS D 67 0.77 -3.68 22.69
C LYS D 67 -0.64 -3.18 22.99
N LEU D 68 -1.63 -3.87 22.45
CA LEU D 68 -3.03 -3.45 22.55
C LEU D 68 -3.73 -4.01 23.79
N LYS D 69 -3.00 -4.76 24.62
CA LYS D 69 -3.60 -5.37 25.80
C LYS D 69 -4.84 -6.17 25.46
N VAL D 70 -4.78 -6.94 24.38
CA VAL D 70 -5.83 -7.87 24.06
C VAL D 70 -5.94 -8.88 25.19
N ASP D 71 -7.16 -9.29 25.50
CA ASP D 71 -7.41 -10.13 26.67
C ASP D 71 -7.08 -11.60 26.44
N TYR D 72 -7.36 -12.06 25.24
CA TYR D 72 -7.18 -13.46 24.87
C TYR D 72 -6.55 -13.55 23.49
N LEU D 73 -5.57 -14.44 23.33
CA LEU D 73 -4.95 -14.65 22.02
C LEU D 73 -4.80 -16.14 21.80
N PHE D 74 -5.35 -16.62 20.70
CA PHE D 74 -5.23 -18.01 20.30
C PHE D 74 -4.70 -18.05 18.88
N GLN D 75 -3.57 -18.71 18.67
CA GLN D 75 -2.95 -18.77 17.36
C GLN D 75 -2.83 -20.22 16.90
N GLY D 76 -2.57 -20.41 15.61
CA GLY D 76 -2.48 -21.74 15.04
C GLY D 76 -3.78 -22.50 15.25
N VAL D 77 -4.89 -21.76 15.32
CA VAL D 77 -6.18 -22.39 15.56
C VAL D 77 -6.66 -23.15 14.34
N VAL D 78 -7.05 -24.41 14.54
CA VAL D 78 -7.53 -25.20 13.43
C VAL D 78 -9.04 -25.13 13.32
N ASP D 79 -9.68 -25.07 14.46
CA ASP D 79 -11.13 -25.07 14.52
C ASP D 79 -11.60 -23.90 15.40
N LYS D 80 -11.83 -22.74 14.77
CA LYS D 80 -12.24 -21.53 15.50
C LYS D 80 -13.55 -21.64 16.27
N LEU D 81 -14.53 -22.35 15.71
CA LEU D 81 -15.78 -22.53 16.42
C LEU D 81 -15.55 -23.20 17.79
N SER D 82 -14.83 -24.32 17.78
CA SER D 82 -14.61 -25.04 19.02
C SER D 82 -13.75 -24.22 19.98
N ALA D 83 -12.82 -23.44 19.44
CA ALA D 83 -11.97 -22.60 20.27
C ALA D 83 -12.82 -21.54 20.95
N ALA D 84 -13.76 -21.00 20.18
CA ALA D 84 -14.72 -20.06 20.72
C ALA D 84 -15.56 -20.70 21.82
N GLU D 85 -16.15 -21.86 21.55
CA GLU D 85 -17.01 -22.55 22.51
C GLU D 85 -16.29 -22.84 23.83
N GLU D 86 -15.05 -23.27 23.74
CA GLU D 86 -14.21 -23.45 24.92
C GLU D 86 -14.17 -22.16 25.72
N LEU D 87 -13.56 -21.13 25.14
CA LEU D 87 -13.44 -19.82 25.77
C LEU D 87 -14.77 -19.35 26.34
N CYS D 88 -15.87 -19.65 25.64
CA CYS D 88 -17.18 -19.30 26.16
C CYS D 88 -17.45 -20.09 27.45
N ASN D 89 -16.98 -21.33 27.50
CA ASN D 89 -17.09 -22.14 28.72
C ASN D 89 -16.15 -21.64 29.83
N GLU D 90 -14.87 -21.48 29.50
CA GLU D 90 -13.87 -20.92 30.40
C GLU D 90 -14.41 -19.66 31.08
N LEU D 91 -14.95 -18.75 30.27
CA LEU D 91 -15.48 -17.47 30.74
C LEU D 91 -16.89 -17.58 31.28
N GLY D 92 -17.51 -18.74 31.12
CA GLY D 92 -18.86 -18.95 31.60
C GLY D 92 -19.92 -18.14 30.88
N ILE D 93 -19.80 -18.05 29.55
CA ILE D 93 -20.82 -17.37 28.76
C ILE D 93 -21.21 -18.20 27.53
N ASN D 94 -22.14 -17.65 26.75
CA ASN D 94 -22.73 -18.34 25.61
C ASN D 94 -22.27 -17.80 24.24
N LEU D 95 -22.17 -18.67 23.23
CA LEU D 95 -21.85 -18.20 21.89
C LEU D 95 -22.76 -17.03 21.49
N GLU D 96 -23.98 -17.05 22.01
CA GLU D 96 -24.97 -16.03 21.67
C GLU D 96 -24.58 -14.64 22.14
N GLN D 97 -23.70 -14.58 23.13
CA GLN D 97 -23.33 -13.29 23.67
C GLN D 97 -22.04 -12.82 22.99
N VAL D 98 -21.70 -13.45 21.86
CA VAL D 98 -20.46 -13.16 21.15
C VAL D 98 -20.64 -12.41 19.82
N ALA D 99 -19.77 -11.43 19.61
CA ALA D 99 -19.64 -10.75 18.34
C ALA D 99 -18.34 -11.23 17.69
N TYR D 100 -18.43 -11.78 16.49
CA TYR D 100 -17.20 -12.20 15.79
C TYR D 100 -17.09 -11.59 14.40
N ILE D 101 -15.88 -11.19 14.04
CA ILE D 101 -15.59 -10.68 12.70
C ILE D 101 -14.46 -11.52 12.04
N GLY D 102 -14.70 -11.98 10.82
CA GLY D 102 -13.71 -12.81 10.12
C GLY D 102 -13.89 -12.60 8.64
N ASP D 103 -13.02 -13.17 7.79
CA ASP D 103 -13.14 -12.85 6.37
C ASP D 103 -13.01 -14.04 5.43
N ASP D 104 -12.82 -15.26 5.94
CA ASP D 104 -12.54 -16.34 4.99
C ASP D 104 -13.06 -17.71 5.43
N LEU D 105 -12.71 -18.73 4.65
CA LEU D 105 -13.27 -20.06 4.82
C LEU D 105 -13.15 -20.56 6.26
N ASN D 106 -12.01 -20.33 6.90
CA ASN D 106 -11.79 -20.85 8.26
C ASN D 106 -12.65 -20.13 9.31
N ASP D 107 -13.30 -19.04 8.92
CA ASP D 107 -14.16 -18.28 9.83
C ASP D 107 -15.64 -18.61 9.72
N ALA D 108 -16.02 -19.29 8.63
CA ALA D 108 -17.42 -19.49 8.28
C ALA D 108 -18.29 -20.18 9.35
N LYS D 109 -17.86 -21.34 9.85
CA LYS D 109 -18.66 -22.04 10.86
C LYS D 109 -18.90 -21.19 12.10
N LEU D 110 -17.89 -20.41 12.53
CA LEU D 110 -18.05 -19.63 13.75
C LEU D 110 -18.97 -18.44 13.49
N LEU D 111 -18.79 -17.80 12.34
CA LEU D 111 -19.66 -16.68 11.97
C LEU D 111 -21.11 -17.07 12.05
N LYS D 112 -21.42 -18.31 11.68
CA LYS D 112 -22.82 -18.75 11.65
C LYS D 112 -23.42 -19.05 13.02
N ARG D 113 -22.56 -19.10 14.04
CA ARG D 113 -23.00 -19.51 15.37
C ARG D 113 -22.99 -18.37 16.39
N VAL D 114 -22.52 -17.19 15.99
CA VAL D 114 -22.45 -16.09 16.93
C VAL D 114 -23.65 -15.15 16.86
N GLY D 115 -23.80 -14.34 17.91
CA GLY D 115 -24.92 -13.39 18.01
C GLY D 115 -24.86 -12.27 16.99
N ILE D 116 -23.66 -11.75 16.76
CA ILE D 116 -23.45 -10.74 15.73
C ILE D 116 -22.22 -11.13 14.93
N ALA D 117 -22.43 -11.39 13.64
CA ALA D 117 -21.31 -11.73 12.75
C ALA D 117 -20.97 -10.53 11.87
N GLY D 118 -19.68 -10.19 11.83
CA GLY D 118 -19.19 -9.15 10.93
C GLY D 118 -18.16 -9.68 9.93
N VAL D 119 -18.22 -9.17 8.71
CA VAL D 119 -17.29 -9.56 7.65
C VAL D 119 -16.93 -8.33 6.84
N PRO D 120 -15.63 -8.08 6.66
CA PRO D 120 -15.21 -6.86 5.93
C PRO D 120 -15.72 -6.82 4.50
N ALA D 121 -15.80 -5.62 3.92
CA ALA D 121 -16.26 -5.46 2.54
C ALA D 121 -15.32 -6.17 1.55
N SER D 122 -14.08 -6.40 1.96
CA SER D 122 -13.09 -7.01 1.07
C SER D 122 -13.18 -8.55 0.97
N ALA D 123 -14.02 -9.19 1.77
CA ALA D 123 -14.10 -10.66 1.78
C ALA D 123 -14.80 -11.23 0.55
N PRO D 124 -14.59 -12.52 0.26
CA PRO D 124 -15.30 -13.22 -0.81
C PRO D 124 -16.80 -13.16 -0.56
N PHE D 125 -17.60 -13.14 -1.62
CA PHE D 125 -19.06 -13.01 -1.49
C PHE D 125 -19.72 -14.05 -0.59
N TYR D 126 -19.26 -15.32 -0.62
CA TYR D 126 -19.95 -16.33 0.20
C TYR D 126 -19.66 -16.21 1.69
N ILE D 127 -18.59 -15.50 2.05
CA ILE D 127 -18.33 -15.15 3.45
C ILE D 127 -19.09 -13.87 3.83
N ARG D 128 -19.00 -12.88 2.94
N ARG D 128 -19.04 -12.89 2.93
CA ARG D 128 -19.71 -11.61 3.11
CA ARG D 128 -19.69 -11.59 3.15
C ARG D 128 -21.14 -11.79 3.54
C ARG D 128 -21.18 -11.68 3.43
N ARG D 129 -21.85 -12.66 2.83
CA ARG D 129 -23.26 -12.83 3.00
C ARG D 129 -23.59 -13.45 4.37
N LEU D 130 -22.56 -13.87 5.11
CA LEU D 130 -22.79 -14.41 6.46
C LEU D 130 -22.88 -13.27 7.49
N SER D 131 -22.39 -12.10 7.12
CA SER D 131 -22.42 -10.94 8.01
C SER D 131 -23.85 -10.54 8.38
N THR D 132 -24.09 -10.23 9.64
CA THR D 132 -25.46 -9.90 10.05
C THR D 132 -25.68 -8.40 10.15
N ILE D 133 -24.59 -7.65 10.06
CA ILE D 133 -24.64 -6.21 9.93
C ILE D 133 -23.74 -5.78 8.78
N PHE D 134 -24.03 -4.62 8.21
CA PHE D 134 -23.25 -4.11 7.08
C PHE D 134 -21.95 -3.45 7.54
N LEU D 135 -20.81 -3.90 7.04
CA LEU D 135 -19.57 -3.16 7.29
C LEU D 135 -19.04 -2.55 6.00
N GLU D 136 -18.76 -1.26 6.04
CA GLU D 136 -18.37 -0.54 4.82
C GLU D 136 -16.88 -0.77 4.53
N LYS D 137 -16.07 -0.97 5.57
CA LYS D 137 -14.62 -0.90 5.38
C LYS D 137 -14.00 -2.22 4.99
N ARG D 138 -12.84 -2.13 4.33
CA ARG D 138 -12.09 -3.32 3.89
C ARG D 138 -11.11 -3.74 4.98
N GLY D 139 -10.62 -4.99 4.92
CA GLY D 139 -9.60 -5.40 5.88
C GLY D 139 -8.44 -4.40 5.92
N GLY D 140 -7.93 -4.14 7.12
CA GLY D 140 -6.82 -3.22 7.28
C GLY D 140 -7.15 -1.73 7.19
N GLU D 141 -8.42 -1.40 6.96
CA GLU D 141 -8.85 0.00 6.85
C GLU D 141 -9.45 0.52 8.13
N GLY D 142 -9.40 -0.27 9.19
CA GLY D 142 -10.04 0.09 10.46
C GLY D 142 -11.40 -0.58 10.54
N VAL D 143 -11.55 -1.70 9.86
CA VAL D 143 -12.83 -2.40 9.88
C VAL D 143 -13.09 -3.06 11.27
N PHE D 144 -12.03 -3.43 11.99
CA PHE D 144 -12.26 -3.93 13.34
C PHE D 144 -12.86 -2.81 14.22
N ARG D 145 -12.31 -1.62 14.10
CA ARG D 145 -12.91 -0.48 14.80
C ARG D 145 -14.37 -0.28 14.41
N GLU D 146 -14.66 -0.33 13.11
CA GLU D 146 -16.00 -0.12 12.59
C GLU D 146 -16.96 -1.12 13.24
N PHE D 147 -16.54 -2.37 13.27
CA PHE D 147 -17.31 -3.46 13.84
C PHE D 147 -17.63 -3.19 15.30
N VAL D 148 -16.60 -2.87 16.09
CA VAL D 148 -16.79 -2.70 17.51
C VAL D 148 -17.72 -1.53 17.75
N GLU D 149 -17.48 -0.45 17.03
CA GLU D 149 -18.33 0.74 17.20
C GLU D 149 -19.81 0.48 16.84
N LYS D 150 -20.05 -0.33 15.82
CA LYS D 150 -21.42 -0.68 15.48
C LYS D 150 -21.99 -1.63 16.52
N VAL D 151 -21.21 -2.64 16.87
CA VAL D 151 -21.63 -3.64 17.85
C VAL D 151 -22.01 -3.01 19.18
N LEU D 152 -21.22 -2.05 19.66
CA LEU D 152 -21.50 -1.43 20.94
C LEU D 152 -22.31 -0.16 20.82
N GLY D 153 -22.75 0.17 19.61
CA GLY D 153 -23.57 1.36 19.38
C GLY D 153 -22.90 2.65 19.84
N ILE D 154 -21.59 2.73 19.67
CA ILE D 154 -20.84 3.93 20.04
C ILE D 154 -21.39 5.12 19.27
N ASN D 155 -21.72 6.21 19.96
CA ASN D 155 -22.31 7.34 19.24
C ASN D 155 -21.63 8.64 19.59
N LEU D 156 -22.17 9.75 19.09
CA LEU D 156 -21.58 11.04 19.36
C LEU D 156 -21.51 11.31 20.88
N GLU D 157 -22.59 10.97 21.60
CA GLU D 157 -22.61 11.18 23.05
C GLU D 157 -21.46 10.42 23.77
N ASP D 158 -21.20 9.18 23.36
CA ASP D 158 -20.04 8.44 23.89
C ASP D 158 -18.74 9.20 23.59
N PHE D 159 -18.64 9.71 22.38
CA PHE D 159 -17.46 10.45 21.99
C PHE D 159 -17.28 11.68 22.88
N ILE D 160 -18.35 12.44 23.05
CA ILE D 160 -18.27 13.66 23.84
C ILE D 160 -17.92 13.35 25.31
N ALA D 161 -18.30 12.17 25.77
CA ALA D 161 -18.05 11.81 27.16
C ALA D 161 -16.60 11.38 27.42
N VAL D 162 -15.90 10.85 26.40
CA VAL D 162 -14.55 10.34 26.62
C VAL D 162 -13.43 11.30 26.31
N ILE D 163 -13.74 12.41 25.63
CA ILE D 163 -12.72 13.40 25.30
C ILE D 163 -12.78 14.68 26.15
N GLN D 164 -13.47 14.66 27.28
CA GLN D 164 -13.60 15.87 28.09
C GLN D 164 -12.35 16.20 28.90
MG MG E . 9.94 13.08 -6.92
W WO4 F . 13.44 12.52 -6.02
O1 WO4 F . 14.08 12.43 -4.10
O2 WO4 F . 14.52 14.12 -6.70
O3 WO4 F . 11.48 12.92 -5.74
O4 WO4 F . 13.93 10.71 -6.80
C1 PEG G . 21.18 2.86 -26.16
O1 PEG G . 22.20 3.64 -26.75
C2 PEG G . 21.75 1.98 -25.03
O2 PEG G . 20.91 0.87 -24.80
C3 PEG G . 21.39 -0.35 -24.24
C4 PEG G . 21.51 -1.42 -25.34
O4 PEG G . 21.10 -2.70 -24.91
C1 PEG H . 26.66 14.32 -15.86
O1 PEG H . 27.83 14.97 -16.29
C2 PEG H . 25.76 15.27 -15.02
O2 PEG H . 26.38 15.55 -13.78
C3 PEG H . 26.01 16.67 -12.99
C4 PEG H . 26.80 17.94 -13.38
O4 PEG H . 26.14 19.10 -12.94
C1 EDO I . -3.57 19.76 -5.09
O1 EDO I . -2.32 19.97 -5.77
C2 EDO I . -4.43 18.81 -5.91
O2 EDO I . -3.61 17.78 -6.44
MG MG J . -3.17 9.83 14.73
W WO4 K . -0.27 9.59 16.92
O1 WO4 K . -0.71 10.80 18.51
O2 WO4 K . 1.31 10.06 15.72
O3 WO4 K . -1.90 9.02 15.84
O4 WO4 K . 0.23 7.81 17.82
C1 PEG L . 13.56 27.92 10.39
O1 PEG L . 13.86 27.57 9.06
C2 PEG L . 12.07 27.65 10.66
O2 PEG L . 11.63 28.35 11.79
C3 PEG L . 11.52 29.76 11.78
C4 PEG L . 11.03 30.26 13.15
O4 PEG L . 12.13 30.51 13.98
MG MG M . 4.15 -10.62 -13.79
W WO4 N . 7.13 -12.64 -12.98
O1 WO4 N . 6.57 -13.62 -11.29
O2 WO4 N . 8.89 -11.69 -12.57
O3 WO4 N . 6.01 -11.01 -13.46
O4 WO4 N . 7.61 -13.89 -14.51
C1 PEG O . -3.37 -32.84 -7.01
O1 PEG O . -2.85 -33.54 -8.11
C2 PEG O . -2.32 -31.83 -6.51
O2 PEG O . -2.56 -31.57 -5.15
C3 PEG O . -2.32 -32.54 -4.17
C4 PEG O . -3.16 -32.21 -2.93
O4 PEG O . -2.33 -32.19 -1.81
MG MG P . -8.66 -13.90 7.78
W WO4 Q . -6.36 -15.64 9.99
O1 WO4 Q . -5.76 -14.20 11.33
O2 WO4 Q . -4.69 -16.59 9.31
O3 WO4 Q . -7.16 -14.95 8.27
O4 WO4 Q . -7.48 -17.14 10.81
#